data_8Q3Y
#
_entry.id   8Q3Y
#
_cell.length_a   62.427
_cell.length_b   79.956
_cell.length_c   94.060
_cell.angle_alpha   90.000
_cell.angle_beta   92.970
_cell.angle_gamma   90.000
#
_symmetry.space_group_name_H-M   'P 1 21 1'
#
loop_
_entity.id
_entity.type
_entity.pdbx_description
1 polymer 'DUF1887 family protein'
2 water water
#
_entity_poly.entity_id   1
_entity_poly.type   'polypeptide(L)'
_entity_poly.pdbx_seq_one_letter_code
;SNMNEKVLVLIVGTNPLPNYVVGSHLKEKYDKFVLIYSEKNDKINQNSTYDYAKKLKEHLNLNDKCIFLPLSDVSNSEKI
INDLREKFPSEDFVEVHLNYTGGTKTMVVHIYNFLKEKFKNNKIKFEGSYLDARDYKLVYDYSEEAISLKDTIKIDINTL
LSIHLYEDIHFEFYDTYSYKQKFVDSFDKISQEIEKAIKDDKGEDFVKWLEDPFRKIFKGENKLLEKTAKFKKHIEKLLK
DNDSSPIVKFNEKTPQFIWDILNAFPEGKKLNDGQKLWIPDDKITNDNLSSRVKDTVEFLNGKWFEWYVYSQIKSELLDR
KLKEGEHFGISLKAQKKDSPYFELDIFLINGYQLIGISLTTSSTRELCKLKGFEVIHRVRQIGGDESKAILITGMDKSKT
EDLQKDLAYETGSTQKRFVVFGIDDWADIGSKICEEVFK
;
_entity_poly.pdbx_strand_id   A,B
#
# COMPACT_ATOMS: atom_id res chain seq x y z
N ASN A 4 -12.58 47.18 9.43
CA ASN A 4 -11.20 46.70 9.47
C ASN A 4 -11.11 45.20 9.71
N GLU A 5 -11.88 44.44 8.92
CA GLU A 5 -11.90 43.00 9.07
C GLU A 5 -10.63 42.35 8.51
N LYS A 6 -10.33 41.16 9.01
CA LYS A 6 -9.21 40.35 8.55
C LYS A 6 -9.72 38.99 8.10
N VAL A 7 -9.27 38.54 6.94
CA VAL A 7 -9.81 37.34 6.30
C VAL A 7 -8.73 36.28 6.23
N LEU A 8 -9.08 35.05 6.60
CA LEU A 8 -8.26 33.87 6.40
C LEU A 8 -8.88 33.04 5.29
N VAL A 9 -8.04 32.58 4.37
CA VAL A 9 -8.48 31.81 3.21
C VAL A 9 -7.89 30.41 3.32
N LEU A 10 -8.74 29.39 3.31
CA LEU A 10 -8.31 28.00 3.28
C LEU A 10 -8.82 27.33 2.02
N ILE A 11 -8.02 26.40 1.51
CA ILE A 11 -8.35 25.64 0.31
C ILE A 11 -8.71 24.23 0.74
N VAL A 12 -9.99 23.88 0.57
CA VAL A 12 -10.51 22.61 1.06
C VAL A 12 -10.36 21.59 -0.06
N GLY A 13 -9.35 20.74 0.06
CA GLY A 13 -9.16 19.60 -0.81
C GLY A 13 -9.75 18.35 -0.21
N THR A 14 -9.02 17.24 -0.31
CA THR A 14 -9.47 15.94 0.16
C THR A 14 -8.88 15.54 1.50
N ASN A 15 -7.78 16.16 1.93
CA ASN A 15 -7.19 15.88 3.22
C ASN A 15 -7.61 16.98 4.20
N PRO A 16 -8.58 16.73 5.08
CA PRO A 16 -9.18 17.83 5.85
C PRO A 16 -8.44 18.21 7.13
N LEU A 17 -7.45 17.42 7.57
CA LEU A 17 -6.86 17.67 8.88
C LEU A 17 -6.02 18.94 8.92
N PRO A 18 -5.10 19.20 7.98
CA PRO A 18 -4.31 20.45 8.07
C PRO A 18 -5.15 21.72 8.18
N ASN A 19 -6.18 21.85 7.35
CA ASN A 19 -7.04 23.03 7.45
C ASN A 19 -7.70 23.14 8.81
N TYR A 20 -8.04 22.01 9.42
CA TYR A 20 -8.64 22.04 10.75
C TYR A 20 -7.64 22.55 11.78
N VAL A 21 -6.39 22.09 11.69
CA VAL A 21 -5.36 22.54 12.63
C VAL A 21 -5.07 24.03 12.42
N VAL A 22 -4.97 24.46 11.17
CA VAL A 22 -4.66 25.86 10.89
C VAL A 22 -5.82 26.75 11.31
N GLY A 23 -7.05 26.31 11.04
CA GLY A 23 -8.21 27.08 11.45
C GLY A 23 -8.33 27.19 12.96
N SER A 24 -8.07 26.10 13.68
CA SER A 24 -8.13 26.15 15.14
C SER A 24 -7.09 27.12 15.70
N HIS A 25 -5.88 27.08 15.14
CA HIS A 25 -4.81 27.94 15.63
C HIS A 25 -5.10 29.41 15.40
N LEU A 26 -5.78 29.75 14.30
CA LEU A 26 -5.95 31.13 13.88
C LEU A 26 -7.39 31.62 13.96
N LYS A 27 -8.29 30.85 14.57
CA LYS A 27 -9.70 31.20 14.55
C LYS A 27 -9.98 32.57 15.17
N GLU A 28 -9.32 32.87 16.28
CA GLU A 28 -9.62 34.08 17.03
C GLU A 28 -8.96 35.34 16.47
N LYS A 29 -8.09 35.21 15.47
CA LYS A 29 -7.40 36.36 14.90
C LYS A 29 -7.99 36.82 13.59
N TYR A 30 -9.14 36.27 13.18
CA TYR A 30 -9.72 36.60 11.88
C TYR A 30 -11.22 36.78 11.99
N ASP A 31 -11.74 37.73 11.21
CA ASP A 31 -13.16 38.05 11.20
C ASP A 31 -13.92 37.23 10.16
N LYS A 32 -13.31 36.99 9.01
CA LYS A 32 -13.94 36.21 7.95
C LYS A 32 -13.04 35.02 7.60
N PHE A 33 -13.69 33.92 7.21
CA PHE A 33 -13.01 32.72 6.76
C PHE A 33 -13.58 32.34 5.41
N VAL A 34 -12.73 32.32 4.38
CA VAL A 34 -13.15 31.93 3.04
C VAL A 34 -12.69 30.50 2.81
N LEU A 35 -13.66 29.59 2.69
CA LEU A 35 -13.40 28.16 2.48
C LEU A 35 -13.61 27.83 0.99
N ILE A 36 -12.50 27.70 0.26
CA ILE A 36 -12.55 27.40 -1.16
C ILE A 36 -12.62 25.89 -1.36
N TYR A 37 -13.57 25.44 -2.17
CA TYR A 37 -13.80 24.02 -2.38
C TYR A 37 -14.18 23.74 -3.83
N SER A 38 -13.99 22.48 -4.23
CA SER A 38 -14.31 22.02 -5.58
C SER A 38 -15.77 21.58 -5.65
N GLU A 39 -16.53 22.19 -6.55
CA GLU A 39 -17.89 21.73 -6.81
C GLU A 39 -17.87 20.38 -7.55
N LYS A 40 -19.01 19.70 -7.50
CA LYS A 40 -19.18 18.48 -8.29
C LYS A 40 -19.44 18.84 -9.74
N ASN A 41 -18.75 18.15 -10.65
CA ASN A 41 -18.94 18.37 -12.09
C ASN A 41 -18.60 17.06 -12.78
N ASP A 42 -19.63 16.30 -13.15
CA ASP A 42 -19.41 14.97 -13.70
C ASP A 42 -18.88 15.01 -15.12
N LYS A 43 -19.00 16.15 -15.83
CA LYS A 43 -18.48 16.24 -17.18
C LYS A 43 -16.95 16.16 -17.17
N ILE A 44 -16.32 16.89 -16.27
CA ILE A 44 -14.86 17.00 -16.24
C ILE A 44 -14.30 16.05 -15.19
N ASN A 45 -15.16 15.18 -14.67
CA ASN A 45 -14.79 14.19 -13.65
C ASN A 45 -14.12 14.87 -12.46
N GLN A 46 -14.77 15.90 -11.93
CA GLN A 46 -14.28 16.65 -10.79
C GLN A 46 -15.17 16.34 -9.59
N ASN A 47 -14.61 15.64 -8.61
CA ASN A 47 -15.37 15.26 -7.43
C ASN A 47 -15.47 16.41 -6.43
N SER A 48 -16.60 16.44 -5.72
CA SER A 48 -16.91 17.52 -4.81
C SER A 48 -16.19 17.37 -3.47
N THR A 49 -15.66 18.47 -2.95
CA THR A 49 -15.13 18.53 -1.60
C THR A 49 -16.01 19.37 -0.68
N TYR A 50 -17.28 19.55 -1.05
CA TYR A 50 -18.17 20.42 -0.27
C TYR A 50 -18.45 19.85 1.11
N ASP A 51 -18.54 18.51 1.22
CA ASP A 51 -18.83 17.89 2.50
C ASP A 51 -17.65 18.05 3.48
N TYR A 52 -16.42 18.02 2.98
CA TYR A 52 -15.28 18.39 3.82
C TYR A 52 -15.41 19.84 4.28
N ALA A 53 -15.77 20.75 3.37
CA ALA A 53 -15.89 22.15 3.74
C ALA A 53 -16.95 22.35 4.82
N LYS A 54 -18.10 21.66 4.69
CA LYS A 54 -19.14 21.81 5.71
C LYS A 54 -18.69 21.27 7.06
N LYS A 55 -18.04 20.10 7.05
CA LYS A 55 -17.55 19.55 8.31
C LYS A 55 -16.46 20.43 8.92
N LEU A 56 -15.69 21.14 8.10
CA LEU A 56 -14.68 22.04 8.62
C LEU A 56 -15.32 23.24 9.32
N LYS A 57 -16.29 23.87 8.65
CA LYS A 57 -17.01 24.99 9.26
C LYS A 57 -17.73 24.56 10.53
N GLU A 58 -18.30 23.35 10.52
CA GLU A 58 -19.05 22.87 11.66
C GLU A 58 -18.16 22.72 12.89
N HIS A 59 -17.01 22.08 12.73
CA HIS A 59 -16.16 21.78 13.88
C HIS A 59 -15.24 22.93 14.27
N LEU A 60 -14.98 23.88 13.37
CA LEU A 60 -14.29 25.09 13.78
C LEU A 60 -15.22 26.08 14.47
N ASN A 61 -16.52 25.82 14.42
CA ASN A 61 -17.49 26.75 15.00
C ASN A 61 -17.30 28.13 14.39
N LEU A 62 -17.31 28.22 13.07
CA LEU A 62 -17.10 29.50 12.40
C LEU A 62 -18.40 30.26 12.21
N ASN A 63 -19.48 29.55 11.91
CA ASN A 63 -20.79 30.18 11.73
C ASN A 63 -20.84 31.17 10.58
N ASP A 64 -21.37 32.36 10.82
CA ASP A 64 -21.52 33.34 9.76
C ASP A 64 -20.20 33.90 9.26
N LYS A 65 -19.16 33.80 10.07
CA LYS A 65 -17.84 34.23 9.61
C LYS A 65 -17.32 33.40 8.44
N CYS A 66 -18.03 32.34 8.06
CA CYS A 66 -17.59 31.42 7.02
C CYS A 66 -18.29 31.73 5.70
N ILE A 67 -17.49 31.87 4.63
CA ILE A 67 -17.98 32.08 3.27
C ILE A 67 -17.50 30.92 2.42
N PHE A 68 -18.43 30.11 1.91
CA PHE A 68 -18.07 29.05 0.97
C PHE A 68 -17.86 29.66 -0.40
N LEU A 69 -16.72 29.36 -1.02
CA LEU A 69 -16.42 29.85 -2.37
C LEU A 69 -16.30 28.66 -3.31
N PRO A 70 -17.35 28.34 -4.07
CA PRO A 70 -17.28 27.18 -4.98
C PRO A 70 -16.46 27.50 -6.22
N LEU A 71 -15.61 26.55 -6.60
CA LEU A 71 -14.91 26.58 -7.86
C LEU A 71 -15.55 25.55 -8.79
N SER A 72 -15.91 25.97 -10.00
CA SER A 72 -16.65 25.10 -10.90
C SER A 72 -15.74 24.15 -11.69
N ASP A 73 -14.49 24.55 -11.95
CA ASP A 73 -13.56 23.70 -12.71
C ASP A 73 -12.16 23.99 -12.18
N VAL A 74 -11.68 23.13 -11.27
CA VAL A 74 -10.36 23.32 -10.67
C VAL A 74 -9.23 22.87 -11.57
N SER A 75 -9.52 22.43 -12.79
CA SER A 75 -8.48 22.08 -13.76
C SER A 75 -8.23 23.19 -14.77
N ASN A 76 -9.12 24.18 -14.86
CA ASN A 76 -9.01 25.26 -15.84
C ASN A 76 -8.58 26.54 -15.13
N SER A 77 -7.48 27.13 -15.58
CA SER A 77 -6.97 28.34 -14.94
C SER A 77 -7.99 29.47 -15.03
N GLU A 78 -8.57 29.69 -16.21
CA GLU A 78 -9.46 30.82 -16.41
C GLU A 78 -10.74 30.69 -15.59
N LYS A 79 -11.28 29.48 -15.47
CA LYS A 79 -12.50 29.32 -14.68
C LYS A 79 -12.22 29.45 -13.19
N ILE A 80 -11.01 29.13 -12.74
CA ILE A 80 -10.64 29.38 -11.35
C ILE A 80 -10.66 30.88 -11.08
N ILE A 81 -10.05 31.66 -11.96
CA ILE A 81 -9.97 33.11 -11.76
C ILE A 81 -11.36 33.75 -11.85
N ASN A 82 -12.16 33.35 -12.84
CA ASN A 82 -13.50 33.93 -12.96
C ASN A 82 -14.35 33.60 -11.74
N ASP A 83 -14.24 32.38 -11.22
CA ASP A 83 -15.00 32.02 -10.03
C ASP A 83 -14.54 32.81 -8.80
N LEU A 84 -13.22 33.02 -8.67
CA LEU A 84 -12.71 33.82 -7.56
C LEU A 84 -13.13 35.28 -7.69
N ARG A 85 -13.01 35.83 -8.89
CA ARG A 85 -13.37 37.23 -9.11
C ARG A 85 -14.86 37.48 -8.87
N GLU A 86 -15.70 36.49 -9.18
CA GLU A 86 -17.14 36.64 -8.98
C GLU A 86 -17.56 36.48 -7.52
N LYS A 87 -16.85 35.65 -6.74
CA LYS A 87 -17.37 35.18 -5.47
C LYS A 87 -16.54 35.54 -4.24
N PHE A 88 -15.27 35.93 -4.40
CA PHE A 88 -14.47 36.27 -3.23
C PHE A 88 -15.02 37.52 -2.56
N PRO A 89 -15.07 37.55 -1.22
CA PRO A 89 -15.65 38.70 -0.52
C PRO A 89 -15.00 40.01 -0.92
N SER A 90 -15.82 41.03 -1.16
CA SER A 90 -15.36 42.29 -1.70
C SER A 90 -15.05 43.34 -0.63
N GLU A 91 -15.14 42.99 0.65
CA GLU A 91 -14.86 43.95 1.71
C GLU A 91 -13.42 44.42 1.63
N ASP A 92 -13.17 45.64 2.09
CA ASP A 92 -11.84 46.21 2.12
C ASP A 92 -11.13 45.70 3.37
N PHE A 93 -10.33 44.64 3.20
CA PHE A 93 -9.66 43.99 4.31
C PHE A 93 -8.32 44.66 4.61
N VAL A 94 -7.98 44.71 5.90
CA VAL A 94 -6.65 45.20 6.28
C VAL A 94 -5.61 44.11 6.27
N GLU A 95 -6.02 42.84 6.20
CA GLU A 95 -5.11 41.71 6.10
C GLU A 95 -5.82 40.57 5.38
N VAL A 96 -5.09 39.91 4.48
CA VAL A 96 -5.59 38.74 3.77
C VAL A 96 -4.57 37.63 3.94
N HIS A 97 -5.00 36.50 4.51
CA HIS A 97 -4.13 35.36 4.82
C HIS A 97 -4.60 34.15 4.04
N LEU A 98 -3.80 33.71 3.09
CA LEU A 98 -4.05 32.46 2.37
C LEU A 98 -3.12 31.40 2.93
N ASN A 99 -3.71 30.34 3.50
CA ASN A 99 -2.97 29.13 3.80
C ASN A 99 -3.24 28.14 2.68
N TYR A 100 -2.20 27.81 1.92
CA TYR A 100 -2.34 27.00 0.71
C TYR A 100 -1.90 25.55 0.92
N THR A 101 -2.22 24.97 2.08
CA THR A 101 -1.84 23.57 2.33
C THR A 101 -2.71 22.61 1.52
N GLY A 102 -4.02 22.88 1.43
CA GLY A 102 -4.93 21.99 0.74
C GLY A 102 -5.12 22.32 -0.73
N GLY A 103 -5.83 21.42 -1.42
CA GLY A 103 -6.13 21.58 -2.83
C GLY A 103 -5.02 21.06 -3.73
N THR A 104 -5.33 21.03 -5.02
CA THR A 104 -4.35 20.56 -6.00
C THR A 104 -3.33 21.67 -6.30
N LYS A 105 -2.23 21.24 -6.91
CA LYS A 105 -1.21 22.20 -7.35
C LYS A 105 -1.81 23.27 -8.23
N THR A 106 -2.59 22.87 -9.23
CA THR A 106 -3.19 23.83 -10.16
C THR A 106 -4.04 24.86 -9.43
N MET A 107 -4.93 24.41 -8.54
CA MET A 107 -5.75 25.35 -7.78
C MET A 107 -4.89 26.34 -7.03
N VAL A 108 -3.94 25.82 -6.24
CA VAL A 108 -3.19 26.66 -5.33
C VAL A 108 -2.39 27.71 -6.09
N VAL A 109 -1.80 27.31 -7.22
CA VAL A 109 -0.98 28.23 -8.01
C VAL A 109 -1.78 29.48 -8.40
N HIS A 110 -2.97 29.28 -8.95
CA HIS A 110 -3.76 30.41 -9.43
C HIS A 110 -4.62 31.04 -8.35
N ILE A 111 -4.94 30.32 -7.28
CA ILE A 111 -5.55 30.97 -6.13
C ILE A 111 -4.55 31.91 -5.47
N TYR A 112 -3.29 31.46 -5.34
CA TYR A 112 -2.25 32.32 -4.78
C TYR A 112 -2.05 33.57 -5.65
N ASN A 113 -1.75 33.37 -6.94
CA ASN A 113 -1.43 34.50 -7.80
C ASN A 113 -2.57 35.49 -7.89
N PHE A 114 -3.82 35.01 -7.93
CA PHE A 114 -4.96 35.92 -8.02
C PHE A 114 -5.07 36.79 -6.76
N LEU A 115 -5.06 36.15 -5.59
CA LEU A 115 -5.21 36.91 -4.36
C LEU A 115 -4.05 37.87 -4.13
N LYS A 116 -2.83 37.42 -4.41
CA LYS A 116 -1.67 38.25 -4.18
C LYS A 116 -1.72 39.52 -5.00
N GLU A 117 -1.98 39.37 -6.29
CA GLU A 117 -2.05 40.53 -7.17
C GLU A 117 -3.24 41.42 -6.85
N LYS A 118 -4.32 40.82 -6.39
CA LYS A 118 -5.53 41.59 -6.09
C LYS A 118 -5.30 42.64 -5.03
N PHE A 119 -4.48 42.33 -4.04
CA PHE A 119 -4.25 43.27 -2.94
C PHE A 119 -2.85 43.81 -2.99
N LYS A 120 -2.16 43.61 -4.10
CA LYS A 120 -0.77 44.04 -4.21
C LYS A 120 -0.64 45.56 -4.10
N ASN A 121 -1.60 46.28 -4.67
CA ASN A 121 -1.51 47.73 -4.68
C ASN A 121 -2.48 48.41 -3.73
N ASN A 122 -3.07 47.66 -2.81
CA ASN A 122 -3.96 48.25 -1.84
C ASN A 122 -3.26 48.33 -0.50
N LYS A 123 -1.94 48.20 -0.51
CA LYS A 123 -1.17 48.27 0.72
C LYS A 123 -1.83 47.44 1.79
N ILE A 124 -2.46 46.34 1.39
CA ILE A 124 -3.11 45.45 2.33
C ILE A 124 -2.14 44.32 2.66
N LYS A 125 -1.89 44.13 3.96
CA LYS A 125 -1.00 43.06 4.39
C LYS A 125 -1.45 41.72 3.87
N PHE A 126 -0.65 41.15 2.98
CA PHE A 126 -0.96 39.82 2.46
C PHE A 126 -0.03 38.79 3.07
N GLU A 127 -0.58 37.63 3.41
CA GLU A 127 0.19 36.57 4.03
C GLU A 127 -0.11 35.24 3.37
N GLY A 128 0.94 34.46 3.15
CA GLY A 128 0.81 33.09 2.65
C GLY A 128 1.51 32.14 3.62
N SER A 129 0.88 30.99 3.86
CA SER A 129 1.47 30.04 4.77
C SER A 129 1.05 28.64 4.36
N TYR A 130 1.84 27.66 4.80
CA TYR A 130 1.50 26.26 4.62
C TYR A 130 1.87 25.50 5.88
N LEU A 131 1.12 24.45 6.16
CA LEU A 131 1.37 23.62 7.33
C LEU A 131 2.29 22.47 6.93
N ASP A 132 3.46 22.43 7.55
CA ASP A 132 4.44 21.39 7.27
C ASP A 132 4.07 20.13 8.04
N ALA A 133 3.84 19.03 7.31
CA ALA A 133 3.38 17.79 7.90
C ALA A 133 4.49 16.94 8.49
N ARG A 134 5.75 17.23 8.16
CA ARG A 134 6.87 16.53 8.76
C ARG A 134 7.34 17.18 10.06
N ASP A 135 7.08 18.47 10.26
CA ASP A 135 7.55 19.19 11.44
C ASP A 135 6.44 19.72 12.32
N TYR A 136 5.19 19.65 11.88
CA TYR A 136 4.05 20.22 12.62
C TYR A 136 4.18 21.73 12.78
N LYS A 137 4.80 22.39 11.81
CA LYS A 137 5.07 23.82 11.88
C LYS A 137 4.24 24.57 10.85
N LEU A 138 3.84 25.78 11.22
CA LEU A 138 3.13 26.69 10.32
C LEU A 138 4.17 27.62 9.71
N VAL A 139 4.54 27.35 8.46
CA VAL A 139 5.62 28.07 7.78
C VAL A 139 5.03 29.28 7.09
N TYR A 140 5.31 30.47 7.63
CA TYR A 140 4.91 31.70 6.98
C TYR A 140 5.86 32.01 5.83
N ASP A 141 5.32 32.64 4.78
CA ASP A 141 5.99 32.64 3.49
C ASP A 141 7.33 33.36 3.55
N TYR A 142 7.36 34.58 4.05
CA TYR A 142 8.60 35.34 4.06
C TYR A 142 9.15 35.60 5.46
N SER A 143 8.89 34.66 6.38
CA SER A 143 9.49 34.67 7.72
C SER A 143 10.43 33.49 7.85
N GLU A 144 11.57 33.72 8.52
CA GLU A 144 12.53 32.65 8.71
C GLU A 144 12.10 31.68 9.80
N GLU A 145 11.13 32.05 10.63
CA GLU A 145 10.71 31.25 11.78
C GLU A 145 9.32 30.68 11.56
N ALA A 146 9.13 29.44 12.00
CA ALA A 146 7.86 28.74 11.88
C ALA A 146 7.44 28.23 13.26
N ILE A 147 6.18 28.46 13.62
CA ILE A 147 5.67 28.08 14.93
C ILE A 147 5.32 26.61 14.93
N SER A 148 5.69 25.90 15.98
CA SER A 148 5.36 24.49 16.13
C SER A 148 3.97 24.37 16.76
N LEU A 149 3.07 23.68 16.08
CA LEU A 149 1.71 23.50 16.56
C LEU A 149 1.47 22.14 17.20
N LYS A 150 2.52 21.33 17.36
CA LYS A 150 2.34 19.96 17.84
C LYS A 150 1.74 19.92 19.23
N ASP A 151 2.26 20.74 20.15
CA ASP A 151 1.76 20.80 21.52
C ASP A 151 0.71 21.89 21.72
N THR A 152 0.26 22.51 20.63
CA THR A 152 -0.69 23.62 20.69
C THR A 152 -2.11 23.22 20.29
N ILE A 153 -2.25 22.37 19.28
CA ILE A 153 -3.55 21.96 18.78
C ILE A 153 -3.79 20.52 19.20
N LYS A 154 -4.90 20.30 19.92
CA LYS A 154 -5.30 18.97 20.35
C LYS A 154 -6.61 18.60 19.66
N ILE A 155 -6.76 17.33 19.30
CA ILE A 155 -7.96 16.84 18.62
C ILE A 155 -8.28 15.45 19.12
N ASP A 156 -9.57 15.15 19.25
CA ASP A 156 -10.04 13.86 19.73
C ASP A 156 -10.49 12.97 18.57
N ILE A 157 -10.65 11.67 18.88
CA ILE A 157 -10.89 10.69 17.83
C ILE A 157 -12.24 10.93 17.14
N ASN A 158 -13.24 11.40 17.88
CA ASN A 158 -14.55 11.67 17.28
C ASN A 158 -14.47 12.80 16.26
N THR A 159 -13.84 13.91 16.63
CA THR A 159 -13.69 15.03 15.71
C THR A 159 -12.85 14.64 14.51
N LEU A 160 -11.77 13.89 14.73
CA LEU A 160 -10.88 13.49 13.65
C LEU A 160 -11.63 12.67 12.60
N LEU A 161 -12.41 11.69 13.04
CA LEU A 161 -13.17 10.88 12.09
C LEU A 161 -14.31 11.67 11.46
N SER A 162 -14.83 12.68 12.17
CA SER A 162 -15.92 13.49 11.63
C SER A 162 -15.47 14.29 10.42
N ILE A 163 -14.37 15.03 10.54
CA ILE A 163 -13.90 15.85 9.43
C ILE A 163 -13.50 15.01 8.23
N HIS A 164 -13.17 13.73 8.44
CA HIS A 164 -12.93 12.80 7.35
C HIS A 164 -14.20 12.11 6.88
N LEU A 165 -15.37 12.60 7.33
CA LEU A 165 -16.69 12.20 6.86
C LEU A 165 -17.08 10.80 7.31
N TYR A 166 -16.46 10.28 8.36
CA TYR A 166 -16.86 9.01 8.94
C TYR A 166 -17.93 9.23 10.01
N GLU A 167 -18.93 8.36 10.01
CA GLU A 167 -19.93 8.33 11.08
C GLU A 167 -19.98 6.93 11.68
N ASP A 168 -20.90 6.74 12.63
CA ASP A 168 -21.08 5.46 13.32
C ASP A 168 -19.75 4.97 13.90
N ILE A 169 -19.21 5.78 14.79
CA ILE A 169 -17.91 5.54 15.40
C ILE A 169 -18.11 4.66 16.62
N HIS A 170 -17.39 3.55 16.70
CA HIS A 170 -17.41 2.70 17.87
C HIS A 170 -15.98 2.30 18.23
N PHE A 171 -15.66 2.39 19.52
CA PHE A 171 -14.40 1.89 20.05
C PHE A 171 -14.63 1.51 21.51
N GLU A 172 -13.75 0.65 22.02
CA GLU A 172 -13.79 0.25 23.41
C GLU A 172 -12.57 0.82 24.14
N PHE A 173 -12.61 0.74 25.47
CA PHE A 173 -11.49 1.15 26.30
C PHE A 173 -11.42 0.19 27.48
N TYR A 174 -10.73 0.62 28.55
CA TYR A 174 -10.40 -0.27 29.65
C TYR A 174 -11.64 -0.85 30.33
N ASP A 175 -12.73 -0.11 30.39
CA ASP A 175 -13.91 -0.55 31.12
C ASP A 175 -14.93 -1.27 30.25
N THR A 176 -15.00 -0.93 28.96
CA THR A 176 -15.97 -1.52 28.04
C THR A 176 -15.37 -2.61 27.17
N TYR A 177 -14.16 -3.07 27.49
CA TYR A 177 -13.52 -4.12 26.69
C TYR A 177 -14.37 -5.39 26.74
N SER A 178 -14.56 -6.01 25.58
CA SER A 178 -15.56 -7.07 25.45
C SER A 178 -15.21 -8.28 26.31
N TYR A 179 -13.99 -8.80 26.18
CA TYR A 179 -13.62 -10.00 26.94
C TYR A 179 -13.58 -9.74 28.44
N LYS A 180 -13.52 -8.48 28.87
CA LYS A 180 -13.72 -8.17 30.28
C LYS A 180 -15.12 -8.56 30.73
N GLN A 181 -16.08 -8.56 29.82
CA GLN A 181 -17.44 -8.99 30.15
C GLN A 181 -17.62 -10.49 30.04
N LYS A 182 -16.81 -11.18 29.23
CA LYS A 182 -16.89 -12.63 29.16
C LYS A 182 -16.24 -13.30 30.36
N PHE A 183 -15.29 -12.64 31.03
CA PHE A 183 -14.65 -13.13 32.25
C PHE A 183 -14.74 -12.03 33.31
N VAL A 184 -15.94 -11.86 33.87
CA VAL A 184 -16.24 -10.70 34.70
C VAL A 184 -15.28 -10.63 35.89
N ASP A 185 -15.17 -11.71 36.65
CA ASP A 185 -14.39 -11.75 37.88
C ASP A 185 -13.01 -12.36 37.68
N SER A 186 -12.63 -12.63 36.44
CA SER A 186 -11.37 -13.31 36.16
C SER A 186 -10.44 -12.53 35.26
N PHE A 187 -10.92 -11.52 34.53
CA PHE A 187 -10.13 -10.91 33.47
C PHE A 187 -8.81 -10.38 34.01
N ASP A 188 -8.83 -9.69 35.15
CA ASP A 188 -7.59 -9.15 35.71
C ASP A 188 -6.60 -10.27 36.01
N LYS A 189 -7.06 -11.33 36.69
CA LYS A 189 -6.16 -12.46 36.98
C LYS A 189 -5.58 -13.03 35.68
N ILE A 190 -6.41 -13.16 34.65
CA ILE A 190 -5.95 -13.70 33.37
C ILE A 190 -4.96 -12.74 32.72
N SER A 191 -5.31 -11.45 32.65
CA SER A 191 -4.44 -10.47 32.04
C SER A 191 -3.09 -10.40 32.75
N GLN A 192 -3.10 -10.56 34.08
CA GLN A 192 -1.86 -10.40 34.84
C GLN A 192 -0.93 -11.60 34.68
N GLU A 193 -1.49 -12.80 34.57
CA GLU A 193 -0.65 -13.97 34.30
C GLU A 193 0.05 -13.84 32.96
N ILE A 194 -0.73 -13.56 31.91
CA ILE A 194 -0.17 -13.37 30.59
C ILE A 194 0.87 -12.25 30.59
N GLU A 195 0.56 -11.14 31.28
CA GLU A 195 1.50 -10.02 31.32
C GLU A 195 2.79 -10.39 32.04
N LYS A 196 2.68 -11.14 33.14
CA LYS A 196 3.88 -11.65 33.81
C LYS A 196 4.70 -12.51 32.86
N ALA A 197 4.03 -13.43 32.15
CA ALA A 197 4.72 -14.31 31.20
C ALA A 197 5.46 -13.50 30.15
N ILE A 198 4.76 -12.59 29.46
CA ILE A 198 5.39 -11.82 28.39
C ILE A 198 6.54 -11.00 28.92
N LYS A 199 6.35 -10.34 30.07
CA LYS A 199 7.40 -9.54 30.68
C LYS A 199 8.54 -10.39 31.21
N ASP A 200 8.37 -11.70 31.29
CA ASP A 200 9.45 -12.64 31.59
C ASP A 200 10.09 -13.22 30.34
N ASP A 201 9.86 -12.58 29.18
CA ASP A 201 10.42 -13.01 27.89
C ASP A 201 9.91 -14.39 27.48
N LYS A 202 8.65 -14.71 27.80
CA LYS A 202 8.06 -15.98 27.42
C LYS A 202 7.23 -15.90 26.15
N GLY A 203 7.32 -14.79 25.42
CA GLY A 203 6.48 -14.63 24.23
C GLY A 203 6.72 -15.69 23.18
N GLU A 204 7.99 -15.94 22.84
CA GLU A 204 8.32 -16.99 21.89
C GLU A 204 7.80 -18.34 22.35
N ASP A 205 7.92 -18.65 23.61
CA ASP A 205 7.49 -19.94 24.11
C ASP A 205 5.99 -20.09 24.09
N PHE A 206 5.28 -19.02 24.38
CA PHE A 206 3.82 -19.03 24.37
C PHE A 206 3.28 -19.21 22.98
N VAL A 207 3.82 -18.49 22.03
CA VAL A 207 3.35 -18.55 20.66
C VAL A 207 3.61 -19.89 20.05
N LYS A 208 4.71 -20.51 20.40
CA LYS A 208 5.01 -21.83 19.91
C LYS A 208 4.01 -22.83 20.45
N TRP A 209 3.78 -22.82 21.76
CA TRP A 209 2.78 -23.70 22.34
C TRP A 209 1.39 -23.41 21.78
N LEU A 210 1.07 -22.14 21.52
CA LEU A 210 -0.24 -21.81 20.99
C LEU A 210 -0.47 -22.43 19.62
N GLU A 211 0.58 -22.65 18.83
CA GLU A 211 0.41 -23.34 17.57
C GLU A 211 0.34 -24.84 17.78
N ASP A 212 1.23 -25.37 18.60
CA ASP A 212 1.20 -26.79 18.91
C ASP A 212 1.50 -26.99 20.38
N PRO A 213 0.48 -27.37 21.15
CA PRO A 213 -0.67 -28.16 20.70
C PRO A 213 -2.00 -27.41 20.71
N PHE A 214 -2.04 -26.20 21.24
CA PHE A 214 -3.32 -25.47 21.39
C PHE A 214 -4.22 -25.43 20.15
N ARG A 215 -3.70 -24.99 19.02
CA ARG A 215 -4.58 -24.83 17.85
C ARG A 215 -4.97 -26.16 17.23
N LYS A 216 -4.06 -27.14 17.24
CA LYS A 216 -4.43 -28.46 16.76
C LYS A 216 -5.54 -29.08 17.58
N ILE A 217 -5.63 -28.72 18.86
CA ILE A 217 -6.71 -29.26 19.68
C ILE A 217 -7.99 -28.46 19.50
N PHE A 218 -7.88 -27.13 19.42
CA PHE A 218 -9.04 -26.27 19.61
C PHE A 218 -9.47 -25.50 18.36
N LYS A 219 -8.73 -25.56 17.27
CA LYS A 219 -9.16 -24.96 16.01
C LYS A 219 -9.27 -26.04 14.95
N GLY A 220 -10.36 -25.98 14.18
CA GLY A 220 -10.59 -26.94 13.11
C GLY A 220 -11.73 -26.53 12.21
N GLU A 221 -12.78 -27.36 12.14
CA GLU A 221 -13.94 -27.01 11.35
C GLU A 221 -14.77 -25.95 12.06
N ASN A 222 -15.66 -25.32 11.30
CA ASN A 222 -16.55 -24.30 11.85
C ASN A 222 -17.43 -24.90 12.94
N LYS A 223 -17.65 -24.13 14.00
CA LYS A 223 -18.46 -24.54 15.16
C LYS A 223 -17.90 -25.79 15.83
N LEU A 224 -16.59 -26.01 15.70
CA LEU A 224 -15.97 -27.18 16.32
C LEU A 224 -16.22 -27.21 17.81
N LEU A 225 -16.08 -26.08 18.48
CA LEU A 225 -16.25 -26.01 19.93
C LEU A 225 -17.69 -25.77 20.36
N GLU A 226 -18.63 -25.73 19.42
CA GLU A 226 -20.03 -25.52 19.76
C GLU A 226 -20.85 -26.80 19.61
N LYS A 227 -20.25 -27.90 19.16
CA LYS A 227 -20.93 -29.17 19.02
C LYS A 227 -20.05 -30.26 19.62
N THR A 228 -20.54 -30.93 20.66
CA THR A 228 -19.74 -31.95 21.33
C THR A 228 -19.31 -33.06 20.38
N ALA A 229 -20.21 -33.47 19.48
CA ALA A 229 -19.91 -34.55 18.54
C ALA A 229 -18.73 -34.17 17.64
N LYS A 230 -18.76 -32.98 17.06
CA LYS A 230 -17.63 -32.50 16.27
C LYS A 230 -16.34 -32.56 17.09
N PHE A 231 -16.37 -32.05 18.32
CA PHE A 231 -15.18 -31.98 19.14
C PHE A 231 -14.69 -33.36 19.56
N LYS A 232 -15.62 -34.29 19.81
CA LYS A 232 -15.22 -35.64 20.17
C LYS A 232 -14.59 -36.37 18.99
N LYS A 233 -15.18 -36.27 17.81
CA LYS A 233 -14.56 -36.84 16.61
C LYS A 233 -13.20 -36.21 16.34
N HIS A 234 -13.09 -34.89 16.58
CA HIS A 234 -11.81 -34.23 16.41
C HIS A 234 -10.77 -34.77 17.39
N ILE A 235 -11.18 -35.02 18.64
CA ILE A 235 -10.23 -35.44 19.67
C ILE A 235 -9.84 -36.90 19.47
N GLU A 236 -10.79 -37.75 19.11
CA GLU A 236 -10.47 -39.16 18.89
C GLU A 236 -9.54 -39.34 17.70
N LYS A 237 -9.69 -38.52 16.66
CA LYS A 237 -8.77 -38.59 15.53
C LYS A 237 -7.38 -38.10 15.89
N LEU A 238 -7.27 -37.12 16.78
CA LEU A 238 -5.96 -36.69 17.26
C LEU A 238 -5.28 -37.80 18.07
N LEU A 239 -6.07 -38.61 18.78
CA LEU A 239 -5.51 -39.72 19.54
C LEU A 239 -4.92 -40.81 18.63
N LYS A 240 -5.12 -40.72 17.32
CA LYS A 240 -4.52 -41.68 16.39
C LYS A 240 -3.02 -41.45 16.21
N ASP A 241 -2.52 -40.27 16.59
CA ASP A 241 -1.09 -40.00 16.55
C ASP A 241 -0.35 -40.58 17.74
N ASN A 242 -1.08 -41.07 18.73
CA ASN A 242 -0.46 -41.72 19.88
C ASN A 242 0.55 -40.82 20.58
N ASP A 243 1.75 -41.35 20.80
CA ASP A 243 2.74 -40.56 21.55
C ASP A 243 3.14 -39.27 20.84
N SER A 244 2.79 -39.11 19.57
CA SER A 244 3.05 -37.89 18.83
C SER A 244 1.87 -36.93 18.84
N SER A 245 0.79 -37.24 19.58
CA SER A 245 -0.44 -36.47 19.46
C SER A 245 -0.34 -35.17 20.26
N PRO A 246 -1.05 -34.13 19.81
CA PRO A 246 -1.10 -32.89 20.59
C PRO A 246 -1.66 -33.07 21.99
N ILE A 247 -2.48 -34.11 22.22
CA ILE A 247 -3.00 -34.38 23.57
C ILE A 247 -1.86 -34.70 24.52
N VAL A 248 -0.96 -35.58 24.08
CA VAL A 248 0.20 -35.94 24.90
C VAL A 248 1.10 -34.73 25.11
N LYS A 249 1.26 -33.92 24.08
CA LYS A 249 2.04 -32.69 24.21
C LYS A 249 1.43 -31.76 25.25
N PHE A 250 0.11 -31.54 25.15
CA PHE A 250 -0.60 -30.73 26.14
C PHE A 250 -0.38 -31.27 27.55
N ASN A 251 -0.59 -32.57 27.73
CA ASN A 251 -0.55 -33.15 29.07
C ASN A 251 0.86 -33.17 29.66
N GLU A 252 1.87 -33.41 28.83
CA GLU A 252 3.22 -33.67 29.35
C GLU A 252 4.25 -32.60 29.01
N LYS A 253 3.99 -31.71 28.07
CA LYS A 253 5.03 -30.79 27.62
C LYS A 253 4.58 -29.34 27.68
N THR A 254 3.67 -29.02 28.59
CA THR A 254 3.22 -27.64 28.75
C THR A 254 4.05 -26.96 29.83
N PRO A 255 4.69 -25.83 29.54
CA PRO A 255 5.52 -25.17 30.55
C PRO A 255 4.67 -24.63 31.70
N GLN A 256 5.32 -24.48 32.86
CA GLN A 256 4.63 -24.06 34.07
C GLN A 256 3.94 -22.70 33.91
N PHE A 257 4.54 -21.79 33.14
CA PHE A 257 3.93 -20.48 33.01
C PHE A 257 2.65 -20.56 32.19
N ILE A 258 2.55 -21.52 31.28
CA ILE A 258 1.31 -21.69 30.54
C ILE A 258 0.27 -22.39 31.40
N TRP A 259 0.70 -23.33 32.25
CA TRP A 259 -0.21 -23.90 33.24
C TRP A 259 -0.78 -22.81 34.13
N ASP A 260 0.04 -21.83 34.51
CA ASP A 260 -0.44 -20.75 35.36
C ASP A 260 -1.45 -19.87 34.62
N ILE A 261 -1.22 -19.62 33.34
CA ILE A 261 -2.17 -18.87 32.52
C ILE A 261 -3.48 -19.64 32.39
N LEU A 262 -3.39 -20.94 32.11
CA LEU A 262 -4.59 -21.76 32.01
C LEU A 262 -5.39 -21.73 33.30
N ASN A 263 -4.73 -21.78 34.45
CA ASN A 263 -5.40 -21.89 35.73
C ASN A 263 -5.88 -20.55 36.28
N ALA A 264 -5.59 -19.44 35.61
CA ALA A 264 -6.16 -18.16 36.01
C ALA A 264 -7.59 -17.98 35.53
N PHE A 265 -8.02 -18.77 34.55
CA PHE A 265 -9.40 -18.77 34.13
C PHE A 265 -10.27 -19.35 35.24
N PRO A 266 -11.57 -19.03 35.26
CA PRO A 266 -12.46 -19.69 36.22
C PRO A 266 -12.51 -21.18 35.94
N GLU A 267 -12.79 -21.95 36.99
CA GLU A 267 -12.81 -23.41 36.86
C GLU A 267 -13.75 -23.87 35.77
N GLY A 268 -14.91 -23.22 35.65
CA GLY A 268 -15.88 -23.58 34.64
C GLY A 268 -15.55 -23.17 33.23
N LYS A 269 -14.46 -22.44 33.04
CA LYS A 269 -14.05 -22.01 31.70
C LYS A 269 -12.59 -22.39 31.43
N LYS A 270 -12.13 -23.49 32.02
CA LYS A 270 -10.75 -23.94 31.86
C LYS A 270 -10.66 -24.99 30.77
N LEU A 271 -9.62 -24.87 29.92
CA LEU A 271 -9.32 -25.90 28.94
C LEU A 271 -8.76 -27.17 29.59
N ASN A 272 -8.37 -27.10 30.85
CA ASN A 272 -7.72 -28.19 31.53
C ASN A 272 -8.60 -28.71 32.67
N ASP A 273 -8.52 -30.01 32.91
CA ASP A 273 -9.19 -30.65 34.04
C ASP A 273 -8.09 -31.15 34.97
N GLY A 274 -7.71 -30.31 35.93
CA GLY A 274 -6.52 -30.57 36.71
C GLY A 274 -5.29 -30.30 35.87
N GLN A 275 -4.30 -31.19 35.95
CA GLN A 275 -3.09 -31.08 35.16
C GLN A 275 -3.14 -31.94 33.91
N LYS A 276 -4.31 -32.00 33.26
CA LYS A 276 -4.44 -32.65 31.96
C LYS A 276 -5.48 -31.90 31.13
N LEU A 277 -5.58 -32.28 29.87
CA LEU A 277 -6.59 -31.72 28.99
C LEU A 277 -7.97 -32.18 29.43
N TRP A 278 -8.93 -31.26 29.44
CA TRP A 278 -10.32 -31.63 29.66
C TRP A 278 -10.89 -32.21 28.37
N ILE A 279 -11.28 -33.48 28.43
CA ILE A 279 -11.92 -34.16 27.31
C ILE A 279 -13.36 -34.45 27.72
N PRO A 280 -14.36 -33.89 27.03
CA PRO A 280 -15.75 -34.08 27.45
C PRO A 280 -16.21 -35.51 27.22
N ASP A 281 -17.18 -35.94 28.04
CA ASP A 281 -17.82 -37.23 27.85
C ASP A 281 -19.01 -37.08 26.91
N ASP A 282 -19.81 -38.13 26.78
CA ASP A 282 -20.94 -38.10 25.85
C ASP A 282 -22.16 -37.40 26.42
N LYS A 283 -22.28 -37.34 27.76
CA LYS A 283 -23.41 -36.64 28.36
C LYS A 283 -23.32 -35.13 28.23
N ILE A 284 -22.16 -34.60 27.85
CA ILE A 284 -21.96 -33.15 27.75
C ILE A 284 -22.80 -32.60 26.60
N THR A 285 -23.68 -31.66 26.90
CA THR A 285 -24.46 -30.99 25.87
C THR A 285 -23.62 -29.94 25.16
N ASN A 286 -24.12 -29.46 24.02
CA ASN A 286 -23.39 -28.46 23.26
C ASN A 286 -23.24 -27.17 24.05
N ASP A 287 -24.23 -26.85 24.89
CA ASP A 287 -24.13 -25.68 25.76
C ASP A 287 -22.98 -25.83 26.74
N ASN A 288 -22.82 -27.04 27.31
CA ASN A 288 -21.75 -27.27 28.28
C ASN A 288 -20.37 -27.12 27.63
N LEU A 289 -20.20 -27.68 26.43
CA LEU A 289 -18.92 -27.55 25.74
C LEU A 289 -18.64 -26.09 25.37
N SER A 290 -19.64 -25.38 24.82
CA SER A 290 -19.45 -23.98 24.45
C SER A 290 -19.12 -23.12 25.66
N SER A 291 -19.93 -23.24 26.72
CA SER A 291 -19.73 -22.41 27.91
C SER A 291 -18.32 -22.55 28.46
N ARG A 292 -17.74 -23.74 28.34
CA ARG A 292 -16.46 -23.97 29.00
C ARG A 292 -15.29 -23.49 28.15
N VAL A 293 -15.38 -23.64 26.83
CA VAL A 293 -14.17 -23.64 26.01
C VAL A 293 -14.17 -22.50 25.00
N LYS A 294 -15.33 -22.11 24.48
CA LYS A 294 -15.39 -21.18 23.35
C LYS A 294 -14.70 -19.86 23.65
N ASP A 295 -15.18 -19.12 24.66
CA ASP A 295 -14.60 -17.81 24.97
C ASP A 295 -13.12 -17.92 25.33
N THR A 296 -12.77 -18.93 26.14
CA THR A 296 -11.37 -19.12 26.52
C THR A 296 -10.50 -19.32 25.28
N VAL A 297 -10.97 -20.14 24.33
CA VAL A 297 -10.17 -20.42 23.14
C VAL A 297 -10.04 -19.18 22.27
N GLU A 298 -11.13 -18.40 22.13
CA GLU A 298 -11.06 -17.15 21.38
C GLU A 298 -10.01 -16.21 21.95
N PHE A 299 -9.90 -16.14 23.28
CA PHE A 299 -8.96 -15.21 23.89
C PHE A 299 -7.52 -15.67 23.70
N LEU A 300 -7.24 -16.94 24.04
CA LEU A 300 -5.89 -17.46 23.90
C LEU A 300 -5.45 -17.55 22.45
N ASN A 301 -6.38 -17.52 21.50
CA ASN A 301 -6.02 -17.65 20.10
C ASN A 301 -5.57 -16.33 19.49
N GLY A 302 -5.54 -15.24 20.26
CA GLY A 302 -4.99 -14.00 19.74
C GLY A 302 -5.53 -12.68 20.27
N LYS A 303 -6.68 -12.72 20.94
CA LYS A 303 -7.30 -11.50 21.45
C LYS A 303 -6.49 -11.01 22.66
N TRP A 304 -5.83 -11.94 23.36
CA TRP A 304 -5.00 -11.57 24.49
C TRP A 304 -3.90 -10.58 24.09
N PHE A 305 -3.35 -10.71 22.89
CA PHE A 305 -2.26 -9.83 22.49
C PHE A 305 -2.75 -8.40 22.26
N GLU A 306 -3.98 -8.24 21.76
CA GLU A 306 -4.52 -6.89 21.61
C GLU A 306 -4.67 -6.22 22.97
N TRP A 307 -5.17 -6.95 23.96
CA TRP A 307 -5.30 -6.35 25.28
C TRP A 307 -3.93 -6.13 25.92
N TYR A 308 -3.01 -7.08 25.77
CA TYR A 308 -1.69 -6.91 26.37
C TYR A 308 -1.03 -5.63 25.90
N VAL A 309 -1.00 -5.41 24.59
CA VAL A 309 -0.31 -4.24 24.05
C VAL A 309 -1.04 -2.95 24.45
N TYR A 310 -2.38 -2.97 24.41
CA TYR A 310 -3.13 -1.77 24.76
C TYR A 310 -2.92 -1.42 26.24
N SER A 311 -2.96 -2.42 27.11
CA SER A 311 -2.74 -2.17 28.53
C SER A 311 -1.31 -1.67 28.78
N GLN A 312 -0.35 -2.08 27.95
CA GLN A 312 1.01 -1.58 28.11
C GLN A 312 1.11 -0.11 27.72
N ILE A 313 0.45 0.27 26.63
CA ILE A 313 0.43 1.67 26.20
C ILE A 313 -0.24 2.53 27.27
N LYS A 314 -1.45 2.12 27.69
CA LYS A 314 -2.20 2.90 28.68
C LYS A 314 -1.38 3.15 29.93
N SER A 315 -0.58 2.16 30.33
CA SER A 315 0.28 2.33 31.49
C SER A 315 1.31 3.44 31.24
N GLU A 316 2.03 3.35 30.12
CA GLU A 316 3.08 4.32 29.83
C GLU A 316 2.55 5.71 29.56
N LEU A 317 1.25 5.85 29.29
CA LEU A 317 0.61 7.15 29.08
C LEU A 317 0.06 7.75 30.36
N LEU A 318 0.31 7.11 31.51
CA LEU A 318 -0.28 7.56 32.77
C LEU A 318 0.16 8.97 33.16
N ASP A 319 1.31 9.42 32.66
CA ASP A 319 1.87 10.73 33.00
C ASP A 319 1.98 11.63 31.78
N ARG A 320 0.97 11.60 30.90
CA ARG A 320 1.05 12.34 29.64
C ARG A 320 -0.20 13.12 29.28
N LYS A 321 -1.26 13.05 30.10
CA LYS A 321 -2.45 13.90 29.92
C LYS A 321 -3.18 13.59 28.61
N LEU A 322 -3.06 12.36 28.12
CA LEU A 322 -3.96 11.88 27.07
C LEU A 322 -5.13 11.19 27.75
N LYS A 323 -6.34 11.50 27.28
CA LYS A 323 -7.55 10.97 27.90
C LYS A 323 -7.99 9.70 27.19
N GLU A 324 -8.19 8.62 27.97
CA GLU A 324 -8.71 7.38 27.42
C GLU A 324 -10.13 7.59 26.93
N GLY A 325 -10.45 6.98 25.78
CA GLY A 325 -11.72 7.19 25.14
C GLY A 325 -11.83 8.45 24.32
N GLU A 326 -10.76 9.26 24.28
CA GLU A 326 -10.73 10.46 23.44
C GLU A 326 -9.45 10.49 22.62
N HIS A 327 -8.31 10.19 23.26
CA HIS A 327 -7.02 10.22 22.58
C HIS A 327 -6.40 8.84 22.38
N PHE A 328 -7.01 7.78 22.93
CA PHE A 328 -6.58 6.43 22.61
C PHE A 328 -7.71 5.46 22.97
N GLY A 329 -7.70 4.31 22.31
CA GLY A 329 -8.67 3.27 22.58
C GLY A 329 -8.32 2.03 21.79
N ILE A 330 -9.14 1.01 21.94
CA ILE A 330 -8.91 -0.24 21.23
C ILE A 330 -10.13 -0.61 20.41
N SER A 331 -9.93 -1.42 19.38
CA SER A 331 -11.05 -1.88 18.55
C SER A 331 -11.84 -0.73 17.96
N LEU A 332 -11.21 0.03 17.07
CA LEU A 332 -11.88 1.14 16.43
C LEU A 332 -12.60 0.73 15.17
N LYS A 333 -13.89 0.99 15.12
CA LYS A 333 -14.68 0.68 13.94
C LYS A 333 -15.42 1.93 13.52
N ALA A 334 -15.51 2.16 12.21
CA ALA A 334 -16.24 3.30 11.68
C ALA A 334 -16.65 2.99 10.25
N GLN A 335 -17.52 3.83 9.71
CA GLN A 335 -17.98 3.64 8.34
C GLN A 335 -18.32 4.97 7.70
N LYS A 336 -18.12 5.02 6.39
CA LYS A 336 -18.33 6.20 5.57
C LYS A 336 -19.19 5.79 4.38
N LYS A 337 -20.04 6.70 3.92
CA LYS A 337 -20.94 6.40 2.82
C LYS A 337 -20.17 5.97 1.59
N ASP A 338 -20.62 4.88 0.95
CA ASP A 338 -20.01 4.33 -0.26
C ASP A 338 -18.54 3.95 -0.05
N SER A 339 -18.20 3.58 1.18
CA SER A 339 -16.83 3.30 1.56
C SER A 339 -16.79 2.02 2.39
N PRO A 340 -15.69 1.27 2.34
CA PRO A 340 -15.60 0.04 3.13
C PRO A 340 -15.56 0.33 4.62
N TYR A 341 -15.75 -0.75 5.38
CA TYR A 341 -15.71 -0.68 6.83
C TYR A 341 -14.29 -0.37 7.30
N PHE A 342 -14.17 0.65 8.16
CA PHE A 342 -12.86 1.06 8.71
C PHE A 342 -12.61 0.36 10.03
N GLU A 343 -11.41 -0.17 10.22
CA GLU A 343 -11.05 -0.92 11.42
C GLU A 343 -9.61 -0.65 11.82
N LEU A 344 -9.40 -0.30 13.09
CA LEU A 344 -8.08 -0.09 13.66
C LEU A 344 -8.02 -0.79 15.02
N ASP A 345 -7.00 -1.62 15.23
CA ASP A 345 -6.91 -2.37 16.47
C ASP A 345 -6.75 -1.43 17.66
N ILE A 346 -5.81 -0.50 17.58
CA ILE A 346 -5.54 0.48 18.62
C ILE A 346 -5.27 1.82 17.93
N PHE A 347 -5.74 2.89 18.55
CA PHE A 347 -5.49 4.22 18.03
C PHE A 347 -4.88 5.13 19.09
N LEU A 348 -4.03 6.05 18.67
CA LEU A 348 -3.44 6.99 19.61
C LEU A 348 -3.35 8.36 18.96
N ILE A 349 -3.67 9.40 19.70
CA ILE A 349 -3.59 10.76 19.18
C ILE A 349 -2.63 11.55 20.06
N ASN A 350 -1.57 12.05 19.45
CA ASN A 350 -0.55 12.84 20.13
C ASN A 350 -0.53 14.23 19.51
N GLY A 351 -1.17 15.19 20.17
CA GLY A 351 -1.40 16.48 19.56
C GLY A 351 -2.46 16.34 18.49
N TYR A 352 -2.06 16.47 17.23
CA TYR A 352 -2.92 16.12 16.11
C TYR A 352 -2.26 15.07 15.22
N GLN A 353 -1.39 14.26 15.78
CA GLN A 353 -0.75 13.15 15.07
C GLN A 353 -1.49 11.87 15.39
N LEU A 354 -2.16 11.31 14.39
CA LEU A 354 -2.83 10.03 14.55
C LEU A 354 -1.80 8.90 14.55
N ILE A 355 -1.91 8.00 15.53
CA ILE A 355 -1.09 6.79 15.60
C ILE A 355 -2.04 5.61 15.50
N GLY A 356 -1.94 4.85 14.41
CA GLY A 356 -2.69 3.62 14.23
C GLY A 356 -1.78 2.41 14.38
N ILE A 357 -2.26 1.43 15.14
CA ILE A 357 -1.49 0.23 15.43
C ILE A 357 -2.27 -1.00 14.95
N SER A 358 -1.60 -1.86 14.20
CA SER A 358 -2.14 -3.14 13.79
C SER A 358 -1.31 -4.25 14.42
N LEU A 359 -1.99 -5.26 14.97
CA LEU A 359 -1.35 -6.25 15.82
C LEU A 359 -1.55 -7.66 15.28
N THR A 360 -0.50 -8.47 15.39
CA THR A 360 -0.58 -9.90 15.10
C THR A 360 0.52 -10.63 15.86
N THR A 361 0.20 -11.83 16.34
CA THR A 361 1.22 -12.73 16.86
C THR A 361 1.88 -13.56 15.77
N SER A 362 1.40 -13.47 14.53
CA SER A 362 1.97 -14.29 13.48
C SER A 362 3.40 -13.84 13.14
N SER A 363 4.15 -14.77 12.54
CA SER A 363 5.46 -14.45 11.99
C SER A 363 5.57 -14.85 10.53
N THR A 364 4.49 -15.28 9.89
CA THR A 364 4.52 -15.53 8.46
C THR A 364 4.54 -14.20 7.72
N ARG A 365 5.42 -14.07 6.74
CA ARG A 365 5.68 -12.77 6.14
C ARG A 365 4.50 -12.28 5.31
N GLU A 366 3.85 -13.17 4.54
CA GLU A 366 2.74 -12.74 3.70
C GLU A 366 1.64 -12.11 4.54
N LEU A 367 1.28 -12.74 5.65
CA LEU A 367 0.25 -12.20 6.53
C LEU A 367 0.68 -10.84 7.07
N CYS A 368 1.89 -10.76 7.64
CA CYS A 368 2.35 -9.53 8.25
C CYS A 368 2.46 -8.41 7.23
N LYS A 369 2.95 -8.71 6.03
CA LYS A 369 3.11 -7.65 5.04
C LYS A 369 1.76 -7.12 4.60
N LEU A 370 0.75 -7.99 4.54
CA LEU A 370 -0.60 -7.53 4.22
C LEU A 370 -1.10 -6.56 5.28
N LYS A 371 -0.92 -6.91 6.56
CA LYS A 371 -1.33 -6.01 7.62
C LYS A 371 -0.53 -4.72 7.62
N GLY A 372 0.68 -4.76 7.07
CA GLY A 372 1.47 -3.54 6.96
C GLY A 372 0.89 -2.58 5.94
N PHE A 373 0.59 -3.08 4.73
CA PHE A 373 -0.10 -2.26 3.75
C PHE A 373 -1.39 -1.70 4.33
N GLU A 374 -2.17 -2.55 5.00
CA GLU A 374 -3.47 -2.14 5.50
C GLU A 374 -3.35 -0.98 6.47
N VAL A 375 -2.52 -1.12 7.50
CA VAL A 375 -2.45 -0.08 8.52
C VAL A 375 -1.82 1.19 7.95
N ILE A 376 -0.86 1.06 7.03
CA ILE A 376 -0.29 2.24 6.38
C ILE A 376 -1.38 3.04 5.69
N HIS A 377 -2.24 2.36 4.94
CA HIS A 377 -3.28 3.07 4.21
C HIS A 377 -4.37 3.58 5.15
N ARG A 378 -4.71 2.80 6.17
CA ARG A 378 -5.77 3.23 7.10
C ARG A 378 -5.39 4.52 7.81
N VAL A 379 -4.21 4.58 8.44
CA VAL A 379 -3.85 5.80 9.17
C VAL A 379 -3.74 6.98 8.23
N ARG A 380 -3.30 6.73 6.98
CA ARG A 380 -3.25 7.77 5.97
C ARG A 380 -4.64 8.33 5.67
N GLN A 381 -5.67 7.50 5.80
CA GLN A 381 -7.03 7.92 5.46
C GLN A 381 -7.67 8.83 6.50
N ILE A 382 -7.19 8.80 7.75
CA ILE A 382 -7.83 9.59 8.80
C ILE A 382 -6.82 10.48 9.52
N GLY A 383 -5.60 10.58 8.99
CA GLY A 383 -4.57 11.32 9.67
C GLY A 383 -3.64 12.08 8.75
N GLY A 384 -3.90 11.99 7.44
CA GLY A 384 -3.08 12.70 6.48
C GLY A 384 -1.62 12.27 6.55
N ASP A 385 -0.76 13.17 6.06
CA ASP A 385 0.68 12.90 6.09
C ASP A 385 1.27 12.98 7.49
N GLU A 386 0.61 13.66 8.42
CA GLU A 386 1.12 13.76 9.79
C GLU A 386 1.09 12.44 10.56
N SER A 387 0.41 11.42 10.03
CA SER A 387 0.07 10.24 10.82
C SER A 387 1.22 9.24 10.84
N LYS A 388 1.15 8.30 11.79
CA LYS A 388 2.17 7.27 11.96
C LYS A 388 1.50 5.90 12.07
N ALA A 389 1.98 4.95 11.28
CA ALA A 389 1.47 3.58 11.30
C ALA A 389 2.47 2.69 12.02
N ILE A 390 1.98 1.85 12.92
CA ILE A 390 2.80 0.92 13.68
C ILE A 390 2.23 -0.47 13.46
N LEU A 391 3.09 -1.40 13.03
CA LEU A 391 2.73 -2.80 12.85
C LEU A 391 3.51 -3.64 13.85
N ILE A 392 2.80 -4.44 14.65
CA ILE A 392 3.42 -5.29 15.65
C ILE A 392 3.19 -6.74 15.25
N THR A 393 4.28 -7.49 15.13
CA THR A 393 4.29 -8.88 14.66
C THR A 393 5.00 -9.77 15.67
N GLY A 394 5.08 -11.06 15.33
CA GLY A 394 5.81 -12.03 16.13
C GLY A 394 7.07 -12.51 15.47
N MET A 395 7.57 -11.74 14.49
CA MET A 395 8.79 -12.04 13.77
C MET A 395 10.03 -11.70 14.61
N ASP A 396 11.16 -12.28 14.22
CA ASP A 396 12.43 -12.00 14.90
C ASP A 396 12.97 -10.64 14.47
N LYS A 397 14.08 -10.23 15.09
CA LYS A 397 14.60 -8.89 14.85
C LYS A 397 14.94 -8.68 13.39
N SER A 398 15.56 -9.68 12.74
CA SER A 398 15.99 -9.49 11.35
C SER A 398 14.80 -9.42 10.41
N LYS A 399 13.83 -10.33 10.56
CA LYS A 399 12.66 -10.33 9.69
C LYS A 399 11.82 -9.08 9.88
N THR A 400 11.75 -8.57 11.11
CA THR A 400 11.01 -7.33 11.36
C THR A 400 11.64 -6.15 10.64
N GLU A 401 12.98 -6.09 10.63
CA GLU A 401 13.68 -4.98 9.97
C GLU A 401 13.56 -5.10 8.45
N ASP A 402 13.57 -6.32 7.92
CA ASP A 402 13.40 -6.49 6.48
C ASP A 402 11.99 -6.10 6.05
N LEU A 403 10.97 -6.57 6.78
CA LEU A 403 9.60 -6.19 6.45
C LEU A 403 9.43 -4.68 6.50
N GLN A 404 10.00 -4.03 7.52
CA GLN A 404 9.91 -2.58 7.61
C GLN A 404 10.61 -1.92 6.43
N LYS A 405 11.83 -2.36 6.11
CA LYS A 405 12.54 -1.78 4.98
C LYS A 405 11.76 -1.98 3.68
N ASP A 406 11.22 -3.18 3.48
CA ASP A 406 10.50 -3.46 2.23
C ASP A 406 9.25 -2.60 2.12
N LEU A 407 8.45 -2.56 3.18
CA LEU A 407 7.26 -1.73 3.16
C LEU A 407 7.61 -0.24 3.08
N ALA A 408 8.76 0.15 3.62
CA ALA A 408 9.12 1.56 3.62
C ALA A 408 9.37 2.06 2.20
N TYR A 409 10.19 1.33 1.44
CA TYR A 409 10.51 1.73 0.08
C TYR A 409 9.35 1.47 -0.88
N GLU A 410 8.48 0.52 -0.54
CA GLU A 410 7.40 0.18 -1.47
C GLU A 410 6.24 1.15 -1.37
N THR A 411 6.06 1.81 -0.23
CA THR A 411 5.01 2.81 -0.05
C THR A 411 5.55 4.21 0.16
N GLY A 412 6.87 4.40 0.05
CA GLY A 412 7.46 5.70 0.32
C GLY A 412 7.26 6.19 1.74
N SER A 413 7.23 5.29 2.72
CA SER A 413 7.02 5.66 4.11
C SER A 413 8.37 5.71 4.84
N THR A 414 8.67 6.85 5.46
CA THR A 414 9.81 6.94 6.36
C THR A 414 9.51 6.18 7.65
N GLN A 415 10.52 6.07 8.51
CA GLN A 415 10.30 5.40 9.79
C GLN A 415 9.43 6.25 10.71
N LYS A 416 9.53 7.58 10.61
CA LYS A 416 8.61 8.44 11.33
C LYS A 416 7.16 8.24 10.89
N ARG A 417 6.94 7.55 9.78
CA ARG A 417 5.60 7.27 9.28
C ARG A 417 5.20 5.81 9.34
N PHE A 418 6.16 4.87 9.44
CA PHE A 418 5.80 3.46 9.53
C PHE A 418 6.88 2.69 10.27
N VAL A 419 6.48 2.07 11.38
CA VAL A 419 7.37 1.30 12.23
C VAL A 419 6.84 -0.13 12.35
N VAL A 420 7.73 -1.11 12.25
CA VAL A 420 7.39 -2.51 12.52
C VAL A 420 8.07 -2.92 13.82
N PHE A 421 7.31 -3.58 14.69
CA PHE A 421 7.86 -4.19 15.90
C PHE A 421 7.73 -5.70 15.81
N GLY A 422 8.55 -6.38 16.61
CA GLY A 422 8.58 -7.83 16.62
C GLY A 422 8.53 -8.45 17.99
N ILE A 423 8.79 -9.75 18.09
CA ILE A 423 8.57 -10.49 19.33
C ILE A 423 9.62 -10.13 20.38
N ASP A 424 10.80 -9.66 19.97
CA ASP A 424 11.78 -9.15 20.93
C ASP A 424 11.34 -7.83 21.58
N ASP A 425 10.25 -7.23 21.11
CA ASP A 425 9.79 -5.96 21.65
C ASP A 425 8.54 -6.11 22.52
N TRP A 426 8.01 -7.32 22.69
CA TRP A 426 6.71 -7.46 23.35
C TRP A 426 6.80 -7.10 24.83
N ALA A 427 7.84 -7.57 25.52
CA ALA A 427 7.97 -7.28 26.95
C ALA A 427 8.11 -5.80 27.20
N ASP A 428 8.62 -5.05 26.24
CA ASP A 428 8.81 -3.59 26.39
C ASP A 428 8.05 -2.82 25.35
N ILE A 429 6.90 -3.32 24.92
CA ILE A 429 6.15 -2.72 23.83
C ILE A 429 5.53 -1.38 24.26
N GLY A 430 5.23 -1.22 25.55
CA GLY A 430 4.68 0.04 26.01
C GLY A 430 5.65 1.19 25.83
N SER A 431 6.89 1.01 26.32
CA SER A 431 7.88 2.07 26.21
C SER A 431 8.42 2.21 24.79
N LYS A 432 8.40 1.12 24.02
CA LYS A 432 8.89 1.20 22.65
C LYS A 432 7.91 1.92 21.75
N ILE A 433 6.60 1.75 21.99
CA ILE A 433 5.61 2.51 21.25
C ILE A 433 5.66 3.97 21.66
N CYS A 434 5.69 4.24 22.96
CA CYS A 434 5.65 5.63 23.42
C CYS A 434 6.91 6.39 23.03
N GLU A 435 8.06 5.72 22.98
CA GLU A 435 9.28 6.38 22.51
C GLU A 435 9.14 6.82 21.06
N GLU A 436 8.54 5.98 20.21
CA GLU A 436 8.39 6.34 18.80
C GLU A 436 7.41 7.48 18.62
N VAL A 437 6.39 7.57 19.47
CA VAL A 437 5.35 8.57 19.33
C VAL A 437 5.79 9.92 19.90
N PHE A 438 6.28 9.91 21.14
CA PHE A 438 6.62 11.15 21.85
C PHE A 438 8.10 11.49 21.71
N LYS A 439 8.65 11.34 20.51
CA LYS A 439 10.06 11.64 20.27
C LYS A 439 10.25 13.12 19.92
N ASN B 4 16.79 36.08 -30.05
CA ASN B 4 15.43 35.97 -29.50
C ASN B 4 14.98 34.51 -29.40
N GLU B 5 15.18 33.92 -28.23
CA GLU B 5 14.92 32.51 -28.01
C GLU B 5 13.61 32.31 -27.25
N LYS B 6 13.16 31.06 -27.22
CA LYS B 6 12.02 30.63 -26.41
C LYS B 6 12.50 29.55 -25.46
N VAL B 7 12.24 29.73 -24.17
CA VAL B 7 12.78 28.86 -23.12
C VAL B 7 11.64 28.07 -22.50
N LEU B 8 11.84 26.76 -22.35
CA LEU B 8 10.92 25.89 -21.64
C LEU B 8 11.50 25.59 -20.26
N VAL B 9 10.68 25.75 -19.23
CA VAL B 9 11.10 25.59 -17.84
C VAL B 9 10.40 24.36 -17.28
N LEU B 10 11.16 23.50 -16.63
CA LEU B 10 10.63 22.30 -15.99
C LEU B 10 11.06 22.26 -14.53
N ILE B 11 10.26 21.60 -13.71
CA ILE B 11 10.56 21.42 -12.29
C ILE B 11 10.80 19.93 -12.06
N VAL B 12 11.96 19.60 -11.51
CA VAL B 12 12.40 18.21 -11.40
C VAL B 12 12.22 17.76 -9.96
N GLY B 13 11.09 17.12 -9.67
CA GLY B 13 10.88 16.44 -8.40
C GLY B 13 11.37 15.01 -8.47
N THR B 14 10.58 14.07 -7.95
CA THR B 14 10.95 12.65 -7.93
C THR B 14 10.11 11.80 -8.87
N ASN B 15 9.19 12.40 -9.64
CA ASN B 15 8.35 11.69 -10.59
C ASN B 15 8.76 12.09 -12.00
N PRO B 16 9.74 11.40 -12.61
CA PRO B 16 10.35 11.92 -13.85
C PRO B 16 9.52 11.75 -15.12
N LEU B 17 8.52 10.87 -15.13
CA LEU B 17 7.84 10.57 -16.39
C LEU B 17 7.16 11.78 -17.01
N PRO B 18 6.33 12.55 -16.29
CA PRO B 18 5.66 13.69 -16.95
C PRO B 18 6.63 14.70 -17.56
N ASN B 19 7.68 15.10 -16.84
CA ASN B 19 8.68 15.98 -17.43
C ASN B 19 9.26 15.40 -18.71
N TYR B 20 9.51 14.08 -18.73
CA TYR B 20 10.02 13.46 -19.94
C TYR B 20 9.00 13.53 -21.07
N VAL B 21 7.73 13.32 -20.76
CA VAL B 21 6.69 13.36 -21.79
C VAL B 21 6.54 14.77 -22.34
N VAL B 22 6.43 15.76 -21.45
CA VAL B 22 6.26 17.15 -21.88
C VAL B 22 7.47 17.62 -22.66
N GLY B 23 8.67 17.25 -22.21
CA GLY B 23 9.87 17.62 -22.94
C GLY B 23 9.95 16.99 -24.32
N SER B 24 9.63 15.69 -24.40
CA SER B 24 9.59 15.02 -25.69
C SER B 24 8.65 15.73 -26.66
N HIS B 25 7.51 16.19 -26.15
CA HIS B 25 6.50 16.80 -27.00
C HIS B 25 6.88 18.21 -27.43
N LEU B 26 7.63 18.94 -26.60
CA LEU B 26 7.93 20.34 -26.86
C LEU B 26 9.38 20.61 -27.25
N LYS B 27 10.20 19.58 -27.39
CA LYS B 27 11.63 19.80 -27.57
C LYS B 27 11.93 20.63 -28.82
N GLU B 28 11.38 20.22 -29.97
CA GLU B 28 11.72 20.87 -31.24
C GLU B 28 11.22 22.30 -31.32
N LYS B 29 10.19 22.65 -30.55
CA LYS B 29 9.59 23.99 -30.60
C LYS B 29 10.25 24.98 -29.64
N TYR B 30 11.29 24.57 -28.91
CA TYR B 30 11.94 25.46 -27.97
C TYR B 30 13.44 25.43 -28.17
N ASP B 31 14.08 26.53 -27.77
CA ASP B 31 15.50 26.77 -28.03
C ASP B 31 16.37 26.69 -26.78
N LYS B 32 15.80 26.89 -25.60
CA LYS B 32 16.52 26.80 -24.35
C LYS B 32 15.66 26.09 -23.33
N PHE B 33 16.31 25.41 -22.38
CA PHE B 33 15.61 24.58 -21.41
C PHE B 33 16.20 24.83 -20.02
N VAL B 34 15.33 25.15 -19.07
CA VAL B 34 15.73 25.37 -17.69
C VAL B 34 15.11 24.24 -16.87
N LEU B 35 15.96 23.39 -16.29
CA LEU B 35 15.53 22.32 -15.40
C LEU B 35 15.80 22.79 -13.97
N ILE B 36 14.75 23.11 -13.25
CA ILE B 36 14.82 23.51 -11.85
C ILE B 36 14.76 22.24 -11.00
N TYR B 37 15.62 22.14 -9.99
CA TYR B 37 15.71 20.94 -9.18
C TYR B 37 16.07 21.32 -7.75
N SER B 38 15.91 20.34 -6.85
CA SER B 38 16.32 20.49 -5.46
C SER B 38 17.78 20.11 -5.31
N GLU B 39 18.60 21.04 -4.81
CA GLU B 39 19.98 20.69 -4.54
C GLU B 39 20.10 20.03 -3.17
N LYS B 40 21.18 19.28 -3.00
CA LYS B 40 21.44 18.63 -1.72
C LYS B 40 21.73 19.68 -0.65
N ASN B 41 20.97 19.62 0.46
CA ASN B 41 21.14 20.55 1.57
C ASN B 41 20.91 19.77 2.86
N ASP B 42 22.00 19.40 3.53
CA ASP B 42 21.91 18.49 4.68
C ASP B 42 21.46 19.20 5.95
N LYS B 43 21.64 20.52 6.05
CA LYS B 43 21.19 21.23 7.24
C LYS B 43 19.68 21.14 7.42
N ILE B 44 18.92 21.12 6.32
CA ILE B 44 17.47 21.07 6.36
C ILE B 44 16.94 19.71 5.91
N ASN B 45 17.82 18.72 5.73
CA ASN B 45 17.44 17.39 5.29
C ASN B 45 16.70 17.44 3.95
N GLN B 46 17.24 18.22 3.01
CA GLN B 46 16.69 18.32 1.67
C GLN B 46 17.55 17.49 0.74
N ASN B 47 16.98 16.43 0.19
CA ASN B 47 17.72 15.57 -0.72
C ASN B 47 17.78 16.19 -2.11
N SER B 48 18.72 15.69 -2.91
CA SER B 48 18.93 16.21 -4.26
C SER B 48 18.04 15.48 -5.26
N THR B 49 17.46 16.24 -6.19
CA THR B 49 16.78 15.69 -7.36
C THR B 49 17.60 15.87 -8.63
N TYR B 50 18.90 16.08 -8.48
CA TYR B 50 19.77 16.31 -9.63
C TYR B 50 19.86 15.07 -10.52
N ASP B 51 19.91 13.88 -9.91
CA ASP B 51 20.01 12.65 -10.70
C ASP B 51 18.84 12.50 -11.66
N TYR B 52 17.64 12.87 -11.21
CA TYR B 52 16.51 12.90 -12.14
C TYR B 52 16.72 13.95 -13.23
N ALA B 53 17.21 15.14 -12.85
CA ALA B 53 17.40 16.21 -13.83
C ALA B 53 18.46 15.83 -14.86
N LYS B 54 19.55 15.20 -14.43
CA LYS B 54 20.59 14.77 -15.35
C LYS B 54 20.09 13.71 -16.32
N LYS B 55 19.34 12.72 -15.81
CA LYS B 55 18.75 11.72 -16.70
C LYS B 55 17.72 12.35 -17.63
N LEU B 56 17.00 13.37 -17.18
CA LEU B 56 16.03 14.04 -18.04
C LEU B 56 16.72 14.73 -19.20
N LYS B 57 17.86 15.39 -18.93
CA LYS B 57 18.61 16.02 -20.00
C LYS B 57 19.18 14.99 -20.96
N GLU B 58 19.60 13.83 -20.45
CA GLU B 58 20.23 12.83 -21.30
C GLU B 58 19.21 12.23 -22.27
N HIS B 59 18.11 11.70 -21.75
CA HIS B 59 17.14 11.00 -22.57
C HIS B 59 16.28 11.94 -23.41
N LEU B 60 16.39 13.25 -23.22
CA LEU B 60 15.84 14.22 -24.15
C LEU B 60 16.88 14.77 -25.11
N ASN B 61 18.17 14.57 -24.84
CA ASN B 61 19.27 15.03 -25.69
C ASN B 61 19.28 16.56 -25.79
N LEU B 62 19.35 17.21 -24.64
CA LEU B 62 19.33 18.67 -24.57
C LEU B 62 20.73 19.26 -24.75
N ASN B 63 21.73 18.66 -24.11
CA ASN B 63 23.14 19.05 -24.24
C ASN B 63 23.31 20.50 -23.79
N ASP B 64 23.86 21.39 -24.63
CA ASP B 64 24.17 22.76 -24.25
C ASP B 64 22.92 23.62 -24.08
N LYS B 65 21.78 23.24 -24.65
CA LYS B 65 20.56 24.03 -24.53
C LYS B 65 19.92 23.94 -23.14
N CYS B 66 20.49 23.15 -22.23
CA CYS B 66 19.90 22.87 -20.94
C CYS B 66 20.61 23.67 -19.86
N ILE B 67 19.84 24.30 -18.98
CA ILE B 67 20.36 25.10 -17.87
C ILE B 67 19.84 24.49 -16.58
N PHE B 68 20.76 24.02 -15.73
CA PHE B 68 20.41 23.47 -14.43
C PHE B 68 20.30 24.60 -13.42
N LEU B 69 19.17 24.65 -12.71
CA LEU B 69 18.90 25.71 -11.74
C LEU B 69 18.67 25.11 -10.36
N PRO B 70 19.68 25.05 -9.50
CA PRO B 70 19.49 24.46 -8.17
C PRO B 70 18.70 25.36 -7.24
N LEU B 71 18.00 24.72 -6.31
CA LEU B 71 17.26 25.41 -5.26
C LEU B 71 17.79 24.94 -3.91
N SER B 72 18.23 25.90 -3.09
CA SER B 72 18.86 25.54 -1.81
C SER B 72 17.83 25.10 -0.77
N ASP B 73 16.66 25.75 -0.76
CA ASP B 73 15.65 25.50 0.27
C ASP B 73 14.29 25.62 -0.42
N VAL B 74 13.78 24.49 -0.90
CA VAL B 74 12.47 24.46 -1.57
C VAL B 74 11.33 24.52 -0.59
N SER B 75 11.61 24.66 0.70
CA SER B 75 10.58 24.78 1.72
C SER B 75 10.34 26.21 2.18
N ASN B 76 11.23 27.15 1.82
CA ASN B 76 11.14 28.53 2.28
C ASN B 76 11.02 29.44 1.06
N SER B 77 9.98 30.28 1.05
CA SER B 77 9.66 31.03 -0.15
C SER B 77 10.75 32.03 -0.51
N GLU B 78 11.34 32.69 0.50
CA GLU B 78 12.39 33.66 0.24
C GLU B 78 13.57 33.03 -0.48
N LYS B 79 13.99 31.83 -0.05
CA LYS B 79 15.12 31.16 -0.67
C LYS B 79 14.82 30.83 -2.14
N ILE B 80 13.62 30.32 -2.41
CA ILE B 80 13.25 30.00 -3.79
C ILE B 80 13.34 31.25 -4.66
N ILE B 81 12.76 32.36 -4.19
CA ILE B 81 12.76 33.58 -4.97
C ILE B 81 14.18 34.06 -5.23
N ASN B 82 15.04 33.99 -4.22
CA ASN B 82 16.41 34.50 -4.38
C ASN B 82 17.23 33.61 -5.29
N ASP B 83 17.06 32.28 -5.17
CA ASP B 83 17.75 31.38 -6.09
C ASP B 83 17.23 31.56 -7.51
N LEU B 84 15.92 31.78 -7.68
CA LEU B 84 15.38 32.00 -9.02
C LEU B 84 15.87 33.34 -9.59
N ARG B 85 15.85 34.40 -8.77
CA ARG B 85 16.28 35.71 -9.26
C ARG B 85 17.74 35.70 -9.67
N GLU B 86 18.58 34.91 -8.99
CA GLU B 86 19.99 34.87 -9.31
C GLU B 86 20.29 33.97 -10.51
N LYS B 87 19.75 32.74 -10.51
CA LYS B 87 20.19 31.71 -11.44
C LYS B 87 19.41 31.66 -12.75
N PHE B 88 18.17 32.12 -12.78
CA PHE B 88 17.37 32.01 -14.00
C PHE B 88 18.01 32.83 -15.12
N PRO B 89 17.89 32.37 -16.38
CA PRO B 89 18.47 33.11 -17.50
C PRO B 89 18.01 34.57 -17.55
N SER B 90 18.97 35.46 -17.80
CA SER B 90 18.70 36.88 -17.90
C SER B 90 18.44 37.34 -19.33
N GLU B 91 18.56 36.46 -20.31
CA GLU B 91 18.42 36.85 -21.70
C GLU B 91 16.98 37.25 -22.00
N ASP B 92 16.83 38.14 -22.98
CA ASP B 92 15.52 38.67 -23.36
C ASP B 92 14.85 37.68 -24.30
N PHE B 93 14.05 36.78 -23.74
CA PHE B 93 13.35 35.79 -24.52
C PHE B 93 12.09 36.37 -25.15
N VAL B 94 11.59 35.68 -26.18
CA VAL B 94 10.29 36.03 -26.75
C VAL B 94 9.15 35.20 -26.15
N GLU B 95 9.46 34.09 -25.48
CA GLU B 95 8.43 33.26 -24.87
C GLU B 95 9.06 32.41 -23.78
N VAL B 96 8.50 32.49 -22.57
CA VAL B 96 8.86 31.62 -21.46
C VAL B 96 7.68 30.71 -21.18
N HIS B 97 7.91 29.40 -21.22
CA HIS B 97 6.89 28.40 -20.97
C HIS B 97 7.28 27.62 -19.73
N LEU B 98 6.50 27.77 -18.67
CA LEU B 98 6.71 27.01 -17.44
C LEU B 98 5.71 25.86 -17.41
N ASN B 99 6.22 24.63 -17.35
CA ASN B 99 5.38 23.46 -17.09
C ASN B 99 5.59 23.07 -15.63
N TYR B 100 4.56 23.23 -14.82
CA TYR B 100 4.66 23.04 -13.38
C TYR B 100 4.09 21.70 -12.93
N THR B 101 4.26 20.65 -13.72
CA THR B 101 3.78 19.33 -13.31
C THR B 101 4.66 18.78 -12.19
N GLY B 102 5.98 18.94 -12.28
CA GLY B 102 6.88 18.41 -11.28
C GLY B 102 6.96 19.28 -10.04
N GLY B 103 7.63 18.75 -9.02
CA GLY B 103 7.89 19.48 -7.79
C GLY B 103 6.76 19.39 -6.79
N THR B 104 7.03 19.91 -5.60
CA THR B 104 6.02 19.97 -4.56
C THR B 104 5.13 21.20 -4.74
N LYS B 105 3.99 21.18 -4.04
CA LYS B 105 3.01 22.25 -4.20
C LYS B 105 3.56 23.60 -3.73
N THR B 106 4.39 23.58 -2.68
CA THR B 106 4.95 24.83 -2.16
C THR B 106 5.97 25.44 -3.11
N MET B 107 6.84 24.62 -3.71
CA MET B 107 7.76 25.15 -4.72
C MET B 107 6.99 25.78 -5.86
N VAL B 108 6.01 25.05 -6.40
CA VAL B 108 5.36 25.44 -7.64
C VAL B 108 4.61 26.75 -7.46
N VAL B 109 4.05 26.99 -6.27
CA VAL B 109 3.40 28.27 -5.98
C VAL B 109 4.35 29.43 -6.27
N HIS B 110 5.54 29.37 -5.69
CA HIS B 110 6.43 30.53 -5.73
C HIS B 110 7.25 30.58 -7.02
N ILE B 111 7.53 29.43 -7.62
CA ILE B 111 8.15 29.42 -8.94
C ILE B 111 7.22 30.03 -9.97
N TYR B 112 5.92 29.70 -9.88
CA TYR B 112 4.96 30.21 -10.85
C TYR B 112 4.77 31.71 -10.69
N ASN B 113 4.54 32.17 -9.46
CA ASN B 113 4.29 33.59 -9.24
C ASN B 113 5.51 34.43 -9.60
N PHE B 114 6.69 33.97 -9.21
CA PHE B 114 7.91 34.71 -9.55
C PHE B 114 8.05 34.89 -11.04
N LEU B 115 7.93 33.80 -11.81
CA LEU B 115 8.16 33.87 -13.25
C LEU B 115 7.02 34.58 -13.97
N LYS B 116 5.78 34.31 -13.57
CA LYS B 116 4.65 34.99 -14.21
C LYS B 116 4.72 36.50 -14.01
N GLU B 117 5.19 36.96 -12.84
CA GLU B 117 5.26 38.39 -12.59
C GLU B 117 6.52 39.02 -13.20
N LYS B 118 7.60 38.25 -13.35
CA LYS B 118 8.78 38.77 -14.02
C LYS B 118 8.49 39.09 -15.48
N PHE B 119 7.86 38.17 -16.19
CA PHE B 119 7.60 38.35 -17.62
C PHE B 119 6.27 39.01 -17.91
N LYS B 120 5.42 39.20 -16.90
CA LYS B 120 4.29 40.13 -17.03
C LYS B 120 4.77 41.57 -17.03
N ASN B 121 5.73 41.91 -16.17
CA ASN B 121 6.28 43.25 -16.16
C ASN B 121 7.06 43.55 -17.43
N ASN B 122 7.85 42.57 -17.89
CA ASN B 122 8.69 42.74 -19.06
C ASN B 122 7.95 42.51 -20.37
N LYS B 123 6.65 42.21 -20.31
CA LYS B 123 5.81 42.02 -21.50
C LYS B 123 6.35 40.94 -22.42
N ILE B 124 6.99 39.92 -21.85
CA ILE B 124 7.35 38.71 -22.57
C ILE B 124 6.21 37.73 -22.46
N LYS B 125 5.88 37.06 -23.57
CA LYS B 125 4.83 36.05 -23.53
C LYS B 125 5.20 34.96 -22.54
N PHE B 126 4.31 34.72 -21.57
CA PHE B 126 4.50 33.69 -20.56
C PHE B 126 3.42 32.63 -20.73
N GLU B 127 3.85 31.38 -20.77
CA GLU B 127 2.96 30.24 -20.97
C GLU B 127 3.09 29.30 -19.78
N GLY B 128 1.96 28.82 -19.28
CA GLY B 128 1.96 27.84 -18.20
C GLY B 128 1.13 26.63 -18.58
N SER B 129 1.65 25.45 -18.27
CA SER B 129 0.93 24.23 -18.57
C SER B 129 1.22 23.18 -17.50
N TYR B 130 0.34 22.19 -17.44
CA TYR B 130 0.54 21.02 -16.61
C TYR B 130 0.04 19.80 -17.37
N LEU B 131 0.57 18.63 -17.00
CA LEU B 131 0.22 17.39 -17.67
C LEU B 131 -0.80 16.64 -16.83
N ASP B 132 -1.95 16.34 -17.42
CA ASP B 132 -3.01 15.60 -16.73
C ASP B 132 -2.75 14.11 -16.87
N ALA B 133 -2.51 13.45 -15.73
CA ALA B 133 -2.27 12.01 -15.72
C ALA B 133 -3.54 11.21 -15.99
N ARG B 134 -4.71 11.78 -15.73
CA ARG B 134 -5.95 11.05 -15.96
C ARG B 134 -6.26 10.94 -17.45
N ASP B 135 -6.13 12.04 -18.18
CA ASP B 135 -6.60 12.12 -19.56
C ASP B 135 -5.47 12.20 -20.59
N TYR B 136 -4.20 12.18 -20.15
CA TYR B 136 -3.05 12.22 -21.04
C TYR B 136 -3.12 13.44 -21.98
N LYS B 137 -3.31 14.61 -21.38
CA LYS B 137 -3.44 15.84 -22.14
C LYS B 137 -2.60 16.94 -21.50
N LEU B 138 -1.98 17.76 -22.35
CA LEU B 138 -1.25 18.94 -21.89
C LEU B 138 -2.25 20.09 -21.79
N VAL B 139 -2.53 20.51 -20.56
CA VAL B 139 -3.53 21.54 -20.27
C VAL B 139 -2.82 22.88 -20.20
N TYR B 140 -3.12 23.78 -21.14
CA TYR B 140 -2.57 25.12 -21.14
C TYR B 140 -3.44 26.04 -20.29
N ASP B 141 -2.78 26.97 -19.58
CA ASP B 141 -3.46 27.73 -18.53
C ASP B 141 -4.68 28.47 -19.05
N TYR B 142 -4.49 29.39 -19.99
CA TYR B 142 -5.59 30.24 -20.44
C TYR B 142 -6.02 29.92 -21.86
N SER B 143 -5.87 28.65 -22.26
CA SER B 143 -6.46 28.11 -23.48
C SER B 143 -7.51 27.09 -23.10
N GLU B 144 -8.63 27.12 -23.82
CA GLU B 144 -9.73 26.19 -23.57
C GLU B 144 -9.49 24.80 -24.16
N GLU B 145 -8.39 24.60 -24.87
CA GLU B 145 -8.10 23.33 -25.53
C GLU B 145 -6.84 22.71 -24.95
N ALA B 146 -6.92 21.42 -24.65
CA ALA B 146 -5.78 20.64 -24.19
C ALA B 146 -5.34 19.70 -25.31
N ILE B 147 -4.03 19.55 -25.47
CA ILE B 147 -3.48 18.69 -26.51
C ILE B 147 -3.33 17.28 -25.94
N SER B 148 -3.94 16.31 -26.61
CA SER B 148 -3.79 14.93 -26.19
C SER B 148 -2.48 14.35 -26.66
N LEU B 149 -1.71 13.84 -25.73
CA LEU B 149 -0.45 13.20 -26.03
C LEU B 149 -0.54 11.68 -25.89
N LYS B 150 -1.74 11.15 -25.70
CA LYS B 150 -1.89 9.71 -25.46
C LYS B 150 -1.35 8.89 -26.63
N ASP B 151 -1.67 9.30 -27.86
CA ASP B 151 -1.27 8.58 -29.05
C ASP B 151 -0.09 9.25 -29.78
N THR B 152 0.61 10.16 -29.11
CA THR B 152 1.66 10.95 -29.74
C THR B 152 3.04 10.68 -29.15
N ILE B 153 3.15 10.59 -27.83
CA ILE B 153 4.42 10.40 -27.15
C ILE B 153 4.61 8.92 -26.87
N LYS B 154 5.83 8.43 -27.06
CA LYS B 154 6.15 7.04 -26.81
C LYS B 154 7.34 6.94 -25.86
N ILE B 155 7.39 5.83 -25.12
CA ILE B 155 8.51 5.54 -24.23
C ILE B 155 8.67 4.02 -24.17
N ASP B 156 9.92 3.58 -24.09
CA ASP B 156 10.25 2.18 -23.94
C ASP B 156 10.64 1.88 -22.50
N ILE B 157 10.79 0.60 -22.19
CA ILE B 157 10.94 0.18 -20.80
C ILE B 157 12.32 0.52 -20.25
N ASN B 158 13.35 0.53 -21.11
CA ASN B 158 14.68 0.92 -20.63
C ASN B 158 14.72 2.40 -20.26
N THR B 159 14.17 3.25 -21.14
CA THR B 159 14.14 4.67 -20.86
C THR B 159 13.26 4.98 -19.67
N LEU B 160 12.13 4.27 -19.55
CA LEU B 160 11.22 4.48 -18.42
C LEU B 160 11.90 4.19 -17.09
N LEU B 161 12.67 3.10 -17.02
CA LEU B 161 13.38 2.77 -15.79
C LEU B 161 14.64 3.62 -15.63
N SER B 162 15.28 3.99 -16.73
CA SER B 162 16.51 4.77 -16.64
C SER B 162 16.24 6.16 -16.09
N ILE B 163 15.10 6.75 -16.43
CA ILE B 163 14.77 8.06 -15.88
C ILE B 163 14.31 7.96 -14.44
N HIS B 164 13.92 6.78 -13.97
CA HIS B 164 13.65 6.55 -12.56
C HIS B 164 14.89 6.08 -11.81
N LEU B 165 16.07 6.14 -12.44
CA LEU B 165 17.37 5.80 -11.87
C LEU B 165 17.56 4.31 -11.64
N TYR B 166 16.85 3.46 -12.36
CA TYR B 166 16.99 2.02 -12.22
C TYR B 166 18.06 1.50 -13.15
N GLU B 167 18.97 0.70 -12.60
CA GLU B 167 20.05 0.04 -13.34
C GLU B 167 19.91 -1.47 -13.18
N ASP B 168 20.81 -2.20 -13.83
CA ASP B 168 20.79 -3.67 -13.83
C ASP B 168 19.42 -4.18 -14.30
N ILE B 169 18.96 -3.62 -15.41
CA ILE B 169 17.63 -3.92 -15.94
C ILE B 169 17.69 -5.26 -16.67
N HIS B 170 16.85 -6.20 -16.25
CA HIS B 170 16.72 -7.49 -16.91
C HIS B 170 15.25 -7.86 -17.07
N PHE B 171 14.92 -8.42 -18.22
CA PHE B 171 13.59 -8.95 -18.49
C PHE B 171 13.71 -9.99 -19.59
N GLU B 172 12.61 -10.67 -19.90
CA GLU B 172 12.59 -11.73 -20.89
C GLU B 172 11.42 -11.52 -21.84
N PHE B 173 11.52 -12.18 -23.00
CA PHE B 173 10.46 -12.15 -24.01
C PHE B 173 10.34 -13.55 -24.60
N TYR B 174 9.57 -13.66 -25.69
CA TYR B 174 9.18 -14.96 -26.23
C TYR B 174 10.38 -15.84 -26.53
N ASP B 175 11.44 -15.28 -27.12
CA ASP B 175 12.56 -16.11 -27.55
C ASP B 175 13.51 -16.43 -26.41
N THR B 176 13.68 -15.53 -25.45
CA THR B 176 14.66 -15.70 -24.38
C THR B 176 14.06 -16.15 -23.06
N TYR B 177 12.83 -16.65 -23.06
CA TYR B 177 12.19 -17.11 -21.83
C TYR B 177 13.00 -18.26 -21.22
N SER B 178 13.23 -18.18 -19.91
CA SER B 178 14.22 -19.05 -19.29
C SER B 178 13.84 -20.51 -19.40
N TYR B 179 12.57 -20.84 -19.18
CA TYR B 179 12.18 -22.24 -19.12
C TYR B 179 12.22 -22.93 -20.48
N LYS B 180 12.28 -22.16 -21.57
CA LYS B 180 12.45 -22.77 -22.89
C LYS B 180 13.78 -23.49 -23.02
N GLN B 181 14.76 -23.16 -22.18
CA GLN B 181 16.05 -23.84 -22.18
C GLN B 181 16.10 -24.99 -21.19
N LYS B 182 15.34 -24.91 -20.09
CA LYS B 182 15.39 -25.95 -19.06
C LYS B 182 14.68 -27.21 -19.49
N PHE B 183 13.60 -27.08 -20.26
CA PHE B 183 12.94 -28.22 -20.89
C PHE B 183 13.19 -28.07 -22.39
N VAL B 184 14.41 -28.42 -22.81
CA VAL B 184 14.81 -28.23 -24.20
C VAL B 184 14.00 -29.14 -25.12
N ASP B 185 13.60 -28.60 -26.28
CA ASP B 185 12.83 -29.23 -27.36
C ASP B 185 11.45 -29.70 -26.92
N SER B 186 11.07 -29.52 -25.66
CA SER B 186 9.75 -29.95 -25.21
C SER B 186 8.88 -28.82 -24.69
N PHE B 187 9.43 -27.61 -24.52
CA PHE B 187 8.65 -26.53 -23.90
C PHE B 187 7.40 -26.22 -24.72
N ASP B 188 7.54 -26.23 -26.05
CA ASP B 188 6.38 -25.99 -26.91
C ASP B 188 5.25 -26.96 -26.60
N LYS B 189 5.58 -28.24 -26.47
CA LYS B 189 4.57 -29.25 -26.18
C LYS B 189 3.96 -29.05 -24.80
N ILE B 190 4.77 -28.64 -23.83
CA ILE B 190 4.28 -28.40 -22.48
C ILE B 190 3.33 -27.21 -22.44
N SER B 191 3.72 -26.11 -23.09
CA SER B 191 2.85 -24.93 -23.17
C SER B 191 1.53 -25.29 -23.82
N GLN B 192 1.58 -25.92 -25.00
CA GLN B 192 0.36 -26.25 -25.72
C GLN B 192 -0.52 -27.17 -24.89
N GLU B 193 0.07 -28.14 -24.19
CA GLU B 193 -0.74 -29.02 -23.36
C GLU B 193 -1.40 -28.23 -22.23
N ILE B 194 -0.68 -27.29 -21.64
CA ILE B 194 -1.25 -26.48 -20.56
C ILE B 194 -2.28 -25.49 -21.11
N GLU B 195 -2.02 -24.94 -22.30
CA GLU B 195 -2.94 -23.98 -22.91
C GLU B 195 -4.28 -24.63 -23.23
N LYS B 196 -4.26 -25.86 -23.76
CA LYS B 196 -5.51 -26.56 -24.06
C LYS B 196 -6.33 -26.78 -22.79
N ALA B 197 -5.66 -27.16 -21.69
CA ALA B 197 -6.36 -27.39 -20.44
C ALA B 197 -7.07 -26.12 -19.97
N ILE B 198 -6.37 -24.98 -19.95
CA ILE B 198 -6.98 -23.75 -19.46
C ILE B 198 -8.13 -23.33 -20.37
N LYS B 199 -7.94 -23.44 -21.68
CA LYS B 199 -8.99 -23.04 -22.62
C LYS B 199 -10.14 -24.04 -22.69
N ASP B 200 -9.96 -25.24 -22.14
CA ASP B 200 -11.07 -26.16 -21.88
C ASP B 200 -11.71 -25.90 -20.51
N ASP B 201 -11.30 -24.83 -19.82
CA ASP B 201 -11.83 -24.44 -18.52
C ASP B 201 -11.52 -25.46 -17.42
N LYS B 202 -10.36 -26.10 -17.52
CA LYS B 202 -9.89 -27.01 -16.49
C LYS B 202 -8.95 -26.33 -15.49
N GLY B 203 -8.87 -24.99 -15.54
CA GLY B 203 -7.93 -24.28 -14.68
C GLY B 203 -8.15 -24.54 -13.19
N GLU B 204 -9.42 -24.61 -12.77
CA GLU B 204 -9.69 -24.82 -11.36
C GLU B 204 -9.28 -26.22 -10.92
N ASP B 205 -9.69 -27.24 -11.67
CA ASP B 205 -9.26 -28.61 -11.38
C ASP B 205 -7.73 -28.69 -11.34
N PHE B 206 -7.08 -28.00 -12.27
CA PHE B 206 -5.62 -27.97 -12.29
C PHE B 206 -5.07 -27.37 -11.01
N VAL B 207 -5.55 -26.19 -10.63
CA VAL B 207 -5.05 -25.53 -9.41
C VAL B 207 -5.34 -26.39 -8.18
N LYS B 208 -6.50 -27.05 -8.15
CA LYS B 208 -6.83 -27.86 -6.98
C LYS B 208 -5.96 -29.10 -6.88
N TRP B 209 -5.47 -29.61 -8.01
CA TRP B 209 -4.53 -30.74 -8.01
C TRP B 209 -3.13 -30.28 -7.65
N LEU B 210 -2.80 -29.02 -7.95
CA LEU B 210 -1.51 -28.49 -7.55
C LEU B 210 -1.41 -28.36 -6.03
N GLU B 211 -2.49 -27.96 -5.39
CA GLU B 211 -2.49 -27.88 -3.95
C GLU B 211 -2.46 -29.27 -3.37
N ASP B 212 -3.32 -30.15 -3.87
CA ASP B 212 -3.33 -31.53 -3.41
C ASP B 212 -3.58 -32.47 -4.56
N PRO B 213 -2.56 -33.24 -4.96
CA PRO B 213 -1.45 -33.70 -4.12
C PRO B 213 -0.11 -33.07 -4.45
N PHE B 214 0.02 -32.42 -5.60
CA PHE B 214 1.32 -31.88 -6.04
C PHE B 214 2.15 -31.19 -4.96
N ARG B 215 1.60 -30.20 -4.30
CA ARG B 215 2.41 -29.44 -3.35
C ARG B 215 2.74 -30.24 -2.09
N LYS B 216 1.89 -31.19 -1.71
CA LYS B 216 2.20 -32.01 -0.54
C LYS B 216 3.32 -33.00 -0.81
N ILE B 217 3.62 -33.27 -2.08
CA ILE B 217 4.67 -34.20 -2.44
C ILE B 217 5.99 -33.48 -2.69
N PHE B 218 5.95 -32.30 -3.33
CA PHE B 218 7.15 -31.66 -3.83
C PHE B 218 7.55 -30.39 -3.09
N LYS B 219 6.77 -29.94 -2.10
CA LYS B 219 7.11 -28.74 -1.34
C LYS B 219 7.21 -29.09 0.14
N GLY B 220 8.39 -28.87 0.72
CA GLY B 220 8.60 -29.17 2.12
C GLY B 220 9.93 -28.52 2.50
N GLU B 221 10.93 -29.34 2.79
CA GLU B 221 12.24 -28.82 3.15
C GLU B 221 12.79 -27.85 2.11
N ASN B 222 13.72 -26.99 2.51
CA ASN B 222 14.22 -25.99 1.57
C ASN B 222 14.90 -26.69 0.40
N LYS B 223 15.81 -27.63 0.68
CA LYS B 223 16.49 -28.38 -0.34
C LYS B 223 15.85 -29.75 -0.59
N LEU B 224 14.52 -29.84 -0.42
CA LEU B 224 13.83 -31.13 -0.52
C LEU B 224 14.12 -31.82 -1.85
N LEU B 225 14.09 -31.08 -2.94
CA LEU B 225 14.29 -31.64 -4.28
C LEU B 225 15.74 -31.64 -4.70
N GLU B 226 16.66 -31.30 -3.80
CA GLU B 226 18.08 -31.27 -4.13
C GLU B 226 18.90 -32.31 -3.40
N LYS B 227 18.30 -33.07 -2.48
CA LYS B 227 19.01 -34.10 -1.74
C LYS B 227 18.12 -35.34 -1.66
N THR B 228 18.62 -36.45 -2.20
CA THR B 228 17.81 -37.67 -2.26
C THR B 228 17.32 -38.10 -0.89
N ALA B 229 18.18 -38.01 0.13
CA ALA B 229 17.77 -38.47 1.45
C ALA B 229 16.60 -37.65 1.99
N LYS B 230 16.58 -36.35 1.73
CA LYS B 230 15.47 -35.51 2.16
C LYS B 230 14.18 -35.90 1.44
N PHE B 231 14.24 -36.09 0.12
CA PHE B 231 13.03 -36.41 -0.63
C PHE B 231 12.55 -37.83 -0.33
N LYS B 232 13.47 -38.74 -0.04
CA LYS B 232 13.06 -40.10 0.31
C LYS B 232 12.42 -40.13 1.70
N LYS B 233 13.06 -39.47 2.67
CA LYS B 233 12.44 -39.27 3.98
C LYS B 233 11.03 -38.70 3.85
N HIS B 234 10.88 -37.69 2.99
CA HIS B 234 9.59 -37.02 2.83
C HIS B 234 8.55 -37.96 2.24
N ILE B 235 8.93 -38.71 1.19
CA ILE B 235 8.00 -39.63 0.56
C ILE B 235 7.57 -40.72 1.52
N GLU B 236 8.52 -41.28 2.28
CA GLU B 236 8.21 -42.39 3.19
C GLU B 236 7.27 -41.94 4.30
N LYS B 237 7.42 -40.71 4.77
CA LYS B 237 6.53 -40.19 5.81
C LYS B 237 5.10 -40.10 5.29
N LEU B 238 4.92 -39.64 4.04
CA LEU B 238 3.59 -39.54 3.47
C LEU B 238 3.02 -40.92 3.13
N LEU B 239 3.88 -41.84 2.72
CA LEU B 239 3.41 -43.14 2.28
C LEU B 239 2.79 -43.92 3.44
N LYS B 240 3.09 -43.49 4.66
CA LYS B 240 2.52 -44.15 5.82
C LYS B 240 1.04 -43.84 5.91
N ASP B 241 0.60 -42.83 5.17
CA ASP B 241 -0.81 -42.44 5.19
C ASP B 241 -1.62 -43.36 4.29
N ASN B 242 -1.69 -44.63 4.66
CA ASN B 242 -2.42 -45.59 3.85
C ASN B 242 -3.84 -45.12 3.57
N ASP B 243 -4.29 -45.29 2.33
CA ASP B 243 -5.66 -44.90 1.97
C ASP B 243 -5.90 -43.42 2.20
N SER B 244 -4.83 -42.68 2.46
CA SER B 244 -4.96 -41.24 2.68
C SER B 244 -3.69 -40.52 2.24
N SER B 245 -2.88 -41.19 1.44
CA SER B 245 -1.63 -40.59 0.99
C SER B 245 -1.67 -39.80 -0.31
N PRO B 246 -1.04 -38.63 -0.31
CA PRO B 246 -0.93 -37.87 -1.57
C PRO B 246 -0.34 -38.69 -2.70
N ILE B 247 0.48 -39.70 -2.39
CA ILE B 247 1.04 -40.55 -3.44
C ILE B 247 -0.07 -41.35 -4.11
N VAL B 248 -1.02 -41.87 -3.32
CA VAL B 248 -2.12 -42.62 -3.89
C VAL B 248 -2.98 -41.71 -4.78
N LYS B 249 -3.28 -40.52 -4.28
CA LYS B 249 -4.08 -39.57 -5.05
C LYS B 249 -3.38 -39.20 -6.35
N PHE B 250 -2.06 -38.98 -6.28
CA PHE B 250 -1.28 -38.72 -7.49
C PHE B 250 -1.40 -39.89 -8.46
N ASN B 251 -1.23 -41.12 -7.96
CA ASN B 251 -1.19 -42.29 -8.83
C ASN B 251 -2.58 -42.70 -9.32
N GLU B 252 -3.64 -42.40 -8.56
CA GLU B 252 -4.94 -42.98 -8.83
C GLU B 252 -6.08 -41.98 -9.04
N LYS B 253 -5.87 -40.69 -8.76
CA LYS B 253 -6.94 -39.71 -8.95
C LYS B 253 -6.49 -38.53 -9.80
N THR B 254 -5.43 -38.69 -10.57
CA THR B 254 -4.98 -37.61 -11.44
C THR B 254 -5.82 -37.58 -12.70
N PRO B 255 -6.48 -36.46 -13.02
CA PRO B 255 -7.27 -36.38 -14.26
C PRO B 255 -6.42 -36.70 -15.48
N GLN B 256 -7.10 -37.09 -16.56
CA GLN B 256 -6.38 -37.42 -17.78
C GLN B 256 -5.58 -36.23 -18.31
N PHE B 257 -6.16 -35.02 -18.25
CA PHE B 257 -5.49 -33.88 -18.86
C PHE B 257 -4.20 -33.53 -18.13
N ILE B 258 -4.13 -33.83 -16.83
CA ILE B 258 -2.88 -33.58 -16.11
C ILE B 258 -1.82 -34.60 -16.50
N TRP B 259 -2.22 -35.86 -16.69
CA TRP B 259 -1.28 -36.85 -17.21
C TRP B 259 -0.67 -36.37 -18.53
N ASP B 260 -1.50 -35.78 -19.40
CA ASP B 260 -0.99 -35.23 -20.65
C ASP B 260 0.02 -34.12 -20.39
N ILE B 261 -0.25 -33.25 -19.40
CA ILE B 261 0.71 -32.21 -19.06
C ILE B 261 2.01 -32.81 -18.54
N LEU B 262 1.89 -33.78 -17.62
CA LEU B 262 3.09 -34.40 -17.05
C LEU B 262 3.91 -35.15 -18.10
N ASN B 263 3.24 -35.74 -19.09
CA ASN B 263 3.95 -36.52 -20.10
C ASN B 263 4.50 -35.66 -21.24
N ALA B 264 4.17 -34.36 -21.27
CA ALA B 264 4.79 -33.48 -22.26
C ALA B 264 6.25 -33.19 -21.93
N PHE B 265 6.61 -33.22 -20.65
CA PHE B 265 7.98 -32.97 -20.25
C PHE B 265 8.90 -34.04 -20.85
N PRO B 266 10.18 -33.71 -21.07
CA PRO B 266 11.13 -34.73 -21.52
C PRO B 266 11.24 -35.86 -20.50
N GLU B 267 11.80 -36.98 -20.95
CA GLU B 267 11.91 -38.16 -20.09
C GLU B 267 12.64 -37.85 -18.79
N GLY B 268 13.83 -37.24 -18.89
CA GLY B 268 14.64 -36.98 -17.72
C GLY B 268 14.16 -35.80 -16.90
N LYS B 269 12.97 -35.29 -17.22
CA LYS B 269 12.36 -34.18 -16.49
C LYS B 269 10.98 -34.52 -15.94
N LYS B 270 10.57 -35.78 -16.00
CA LYS B 270 9.22 -36.18 -15.64
C LYS B 270 9.10 -36.49 -14.16
N LEU B 271 8.01 -36.00 -13.55
CA LEU B 271 7.69 -36.35 -12.17
C LEU B 271 7.04 -37.72 -12.06
N ASN B 272 6.55 -38.27 -13.17
CA ASN B 272 5.93 -39.57 -13.18
C ASN B 272 6.88 -40.59 -13.81
N ASP B 273 6.69 -41.85 -13.44
CA ASP B 273 7.41 -42.98 -14.02
C ASP B 273 6.35 -43.93 -14.56
N GLY B 274 5.83 -43.60 -15.74
CA GLY B 274 4.63 -44.26 -16.23
C GLY B 274 3.41 -43.64 -15.60
N GLN B 275 2.44 -44.47 -15.20
CA GLN B 275 1.23 -44.02 -14.52
C GLN B 275 1.42 -43.87 -13.02
N LYS B 276 2.65 -43.78 -12.54
CA LYS B 276 2.92 -43.72 -11.12
C LYS B 276 3.92 -42.60 -10.82
N LEU B 277 3.86 -42.10 -9.60
CA LEU B 277 4.86 -41.16 -9.12
C LEU B 277 6.24 -41.81 -9.17
N TRP B 278 7.24 -41.02 -9.57
CA TRP B 278 8.61 -41.50 -9.60
C TRP B 278 9.18 -41.39 -8.20
N ILE B 279 9.33 -42.54 -7.54
CA ILE B 279 9.99 -42.63 -6.24
C ILE B 279 11.44 -43.07 -6.47
N PRO B 280 12.42 -42.19 -6.36
CA PRO B 280 13.80 -42.60 -6.60
C PRO B 280 14.31 -43.51 -5.50
N ASP B 281 15.11 -44.50 -5.88
CA ASP B 281 15.75 -45.35 -4.91
C ASP B 281 17.00 -44.68 -4.34
N ASP B 282 17.66 -45.36 -3.40
CA ASP B 282 18.78 -44.74 -2.68
C ASP B 282 19.97 -44.46 -3.60
N LYS B 283 20.12 -45.22 -4.67
CA LYS B 283 21.27 -45.04 -5.57
C LYS B 283 21.16 -43.79 -6.45
N ILE B 284 20.00 -43.15 -6.49
CA ILE B 284 19.86 -41.94 -7.30
C ILE B 284 20.60 -40.80 -6.62
N THR B 285 21.39 -40.07 -7.40
CA THR B 285 22.22 -39.00 -6.83
C THR B 285 21.39 -37.75 -6.57
N ASN B 286 21.95 -36.88 -5.72
CA ASN B 286 21.35 -35.56 -5.52
C ASN B 286 21.22 -34.81 -6.83
N ASP B 287 22.23 -34.92 -7.70
CA ASP B 287 22.21 -34.17 -8.95
C ASP B 287 21.24 -34.78 -9.95
N ASN B 288 20.95 -36.08 -9.82
CA ASN B 288 19.95 -36.69 -10.70
C ASN B 288 18.54 -36.28 -10.28
N LEU B 289 18.26 -36.29 -8.98
CA LEU B 289 16.96 -35.82 -8.49
C LEU B 289 16.75 -34.36 -8.82
N SER B 290 17.75 -33.52 -8.55
CA SER B 290 17.60 -32.08 -8.80
C SER B 290 17.40 -31.81 -10.29
N SER B 291 18.16 -32.51 -11.15
CA SER B 291 18.02 -32.34 -12.58
C SER B 291 16.64 -32.79 -13.07
N ARG B 292 16.01 -33.73 -12.36
CA ARG B 292 14.77 -34.31 -12.88
C ARG B 292 13.55 -33.48 -12.48
N VAL B 293 13.42 -33.15 -11.19
CA VAL B 293 12.19 -32.57 -10.68
C VAL B 293 12.29 -31.07 -10.39
N LYS B 294 13.47 -30.55 -10.06
CA LYS B 294 13.55 -29.20 -9.50
C LYS B 294 12.98 -28.17 -10.46
N ASP B 295 13.45 -28.17 -11.71
CA ASP B 295 12.90 -27.24 -12.69
C ASP B 295 11.43 -27.55 -12.99
N THR B 296 11.09 -28.84 -13.10
CA THR B 296 9.70 -29.20 -13.40
C THR B 296 8.76 -28.71 -12.30
N VAL B 297 9.20 -28.77 -11.04
CA VAL B 297 8.31 -28.41 -9.94
C VAL B 297 8.10 -26.90 -9.90
N GLU B 298 9.16 -26.11 -10.10
CA GLU B 298 9.01 -24.66 -10.12
C GLU B 298 8.06 -24.21 -11.24
N PHE B 299 8.16 -24.83 -12.40
CA PHE B 299 7.31 -24.43 -13.51
C PHE B 299 5.85 -24.77 -13.22
N LEU B 300 5.59 -26.02 -12.82
CA LEU B 300 4.22 -26.45 -12.55
C LEU B 300 3.62 -25.78 -11.34
N ASN B 301 4.45 -25.32 -10.40
CA ASN B 301 3.94 -24.72 -9.17
C ASN B 301 3.40 -23.30 -9.35
N GLY B 302 3.54 -22.73 -10.55
CA GLY B 302 2.97 -21.41 -10.78
C GLY B 302 3.55 -20.64 -11.94
N LYS B 303 4.80 -20.96 -12.30
CA LYS B 303 5.46 -20.23 -13.39
C LYS B 303 4.74 -20.41 -14.70
N TRP B 304 4.13 -21.58 -14.91
CA TRP B 304 3.36 -21.83 -16.13
C TRP B 304 2.29 -20.76 -16.33
N PHE B 305 1.67 -20.30 -15.25
CA PHE B 305 0.58 -19.34 -15.40
C PHE B 305 1.08 -18.00 -15.90
N GLU B 306 2.29 -17.59 -15.48
CA GLU B 306 2.88 -16.38 -16.02
C GLU B 306 3.13 -16.53 -17.52
N TRP B 307 3.64 -17.69 -17.94
CA TRP B 307 3.88 -17.90 -19.36
C TRP B 307 2.57 -18.02 -20.14
N TYR B 308 1.57 -18.70 -19.56
CA TYR B 308 0.28 -18.81 -20.23
C TYR B 308 -0.27 -17.43 -20.56
N VAL B 309 -0.40 -16.57 -19.54
CA VAL B 309 -0.98 -15.25 -19.75
C VAL B 309 -0.12 -14.43 -20.71
N TYR B 310 1.21 -14.45 -20.50
CA TYR B 310 2.10 -13.70 -21.38
C TYR B 310 1.89 -14.09 -22.85
N SER B 311 1.83 -15.41 -23.11
CA SER B 311 1.69 -15.85 -24.50
C SER B 311 0.33 -15.50 -25.07
N GLN B 312 -0.71 -15.44 -24.23
CA GLN B 312 -2.01 -15.02 -24.72
C GLN B 312 -2.01 -13.53 -25.08
N ILE B 313 -1.28 -12.73 -24.30
CA ILE B 313 -1.17 -11.31 -24.60
C ILE B 313 -0.40 -11.09 -25.90
N LYS B 314 0.74 -11.77 -26.05
CA LYS B 314 1.56 -11.62 -27.25
C LYS B 314 0.77 -12.03 -28.50
N SER B 315 -0.07 -13.05 -28.38
CA SER B 315 -0.90 -13.46 -29.50
C SER B 315 -1.87 -12.34 -29.90
N GLU B 316 -2.42 -11.64 -28.92
CA GLU B 316 -3.37 -10.57 -29.19
C GLU B 316 -2.71 -9.25 -29.54
N LEU B 317 -1.39 -9.12 -29.32
CA LEU B 317 -0.67 -7.88 -29.59
C LEU B 317 0.02 -7.87 -30.94
N LEU B 318 -0.17 -8.92 -31.75
CA LEU B 318 0.41 -8.94 -33.09
C LEU B 318 -0.11 -7.79 -33.93
N ASP B 319 0.78 -7.18 -34.71
CA ASP B 319 0.45 -6.07 -35.61
C ASP B 319 -0.09 -4.86 -34.84
N ARG B 320 0.47 -4.60 -33.66
CA ARG B 320 0.14 -3.42 -32.89
C ARG B 320 1.41 -2.63 -32.62
N LYS B 321 1.23 -1.39 -32.15
CA LYS B 321 2.38 -0.52 -31.96
C LYS B 321 3.33 -1.06 -30.88
N LEU B 322 2.84 -1.95 -30.02
CA LEU B 322 3.69 -2.55 -29.01
C LEU B 322 4.64 -3.54 -29.66
N LYS B 323 5.88 -3.53 -29.19
CA LYS B 323 6.93 -4.40 -29.69
C LYS B 323 7.57 -5.12 -28.52
N GLU B 324 7.86 -6.41 -28.70
CA GLU B 324 8.44 -7.18 -27.61
C GLU B 324 9.82 -6.64 -27.24
N GLY B 325 10.14 -6.71 -25.96
CA GLY B 325 11.37 -6.13 -25.45
C GLY B 325 11.40 -4.62 -25.40
N GLU B 326 10.45 -3.95 -26.06
CA GLU B 326 10.32 -2.51 -26.03
C GLU B 326 9.14 -2.05 -25.18
N HIS B 327 7.97 -2.65 -25.40
CA HIS B 327 6.75 -2.21 -24.76
C HIS B 327 6.05 -3.33 -23.99
N PHE B 328 6.56 -4.57 -24.06
CA PHE B 328 6.08 -5.61 -23.17
C PHE B 328 7.15 -6.69 -23.02
N GLY B 329 7.09 -7.38 -21.89
CA GLY B 329 8.02 -8.45 -21.57
C GLY B 329 7.57 -9.17 -20.31
N ILE B 330 8.36 -10.16 -19.89
CA ILE B 330 8.03 -10.99 -18.74
C ILE B 330 9.23 -11.06 -17.81
N SER B 331 8.95 -11.11 -16.51
CA SER B 331 9.97 -11.27 -15.46
C SER B 331 10.91 -10.07 -15.42
N LEU B 332 10.33 -8.89 -15.24
CA LEU B 332 11.11 -7.66 -15.20
C LEU B 332 11.79 -7.51 -13.84
N LYS B 333 13.11 -7.34 -13.87
CA LYS B 333 13.92 -7.13 -12.67
C LYS B 333 14.74 -5.88 -12.87
N ALA B 334 14.73 -4.99 -11.89
CA ALA B 334 15.54 -3.78 -11.93
C ALA B 334 15.99 -3.44 -10.52
N GLN B 335 17.10 -2.73 -10.43
CA GLN B 335 17.68 -2.36 -9.14
C GLN B 335 18.01 -0.89 -9.11
N LYS B 336 17.62 -0.21 -8.03
CA LYS B 336 17.91 1.18 -7.81
C LYS B 336 18.92 1.30 -6.67
N LYS B 337 19.80 2.30 -6.76
CA LYS B 337 20.86 2.46 -5.78
C LYS B 337 20.28 2.56 -4.37
N ASP B 338 20.87 1.80 -3.45
CA ASP B 338 20.43 1.83 -2.08
C ASP B 338 18.97 1.50 -1.97
N SER B 339 18.50 0.59 -2.83
CA SER B 339 17.10 0.29 -2.82
C SER B 339 16.87 -1.17 -3.02
N PRO B 340 15.74 -1.65 -2.54
CA PRO B 340 15.41 -3.05 -2.77
C PRO B 340 15.13 -3.34 -4.23
N TYR B 341 15.15 -4.61 -4.60
CA TYR B 341 14.98 -4.97 -6.01
C TYR B 341 13.56 -4.84 -6.51
N PHE B 342 13.41 -4.31 -7.71
CA PHE B 342 12.10 -4.15 -8.32
C PHE B 342 11.71 -5.34 -9.16
N GLU B 343 10.46 -5.76 -9.04
CA GLU B 343 10.01 -6.93 -9.78
C GLU B 343 8.60 -6.86 -10.34
N LEU B 344 8.46 -7.02 -11.65
CA LEU B 344 7.13 -7.09 -12.25
C LEU B 344 7.04 -8.36 -13.08
N ASP B 345 5.96 -9.11 -12.89
CA ASP B 345 5.77 -10.35 -13.64
C ASP B 345 5.64 -10.08 -15.14
N ILE B 346 4.77 -9.15 -15.51
CA ILE B 346 4.57 -8.76 -16.90
C ILE B 346 4.38 -7.25 -16.94
N PHE B 347 4.98 -6.60 -17.94
CA PHE B 347 4.81 -5.18 -18.14
C PHE B 347 4.32 -4.90 -19.56
N LEU B 348 3.46 -3.89 -19.69
CA LEU B 348 3.01 -3.41 -20.99
C LEU B 348 3.04 -1.90 -20.99
N ILE B 349 3.55 -1.30 -22.06
CA ILE B 349 3.57 0.15 -22.21
C ILE B 349 2.70 0.50 -23.41
N ASN B 350 1.59 1.18 -23.14
CA ASN B 350 0.66 1.62 -24.17
C ASN B 350 0.72 3.14 -24.23
N GLY B 351 1.42 3.68 -25.21
CA GLY B 351 1.68 5.10 -25.29
C GLY B 351 2.80 5.49 -24.34
N TYR B 352 2.44 6.12 -23.22
CA TYR B 352 3.34 6.24 -22.08
C TYR B 352 2.61 5.82 -20.79
N GLN B 353 1.66 4.89 -20.94
CA GLN B 353 0.95 4.30 -19.81
C GLN B 353 1.61 2.97 -19.47
N LEU B 354 2.29 2.91 -18.33
CA LEU B 354 2.90 1.68 -17.86
C LEU B 354 1.84 0.78 -17.25
N ILE B 355 1.75 -0.46 -17.72
CA ILE B 355 0.76 -1.41 -17.25
C ILE B 355 1.51 -2.59 -16.67
N GLY B 356 1.53 -2.68 -15.34
CA GLY B 356 2.12 -3.83 -14.67
C GLY B 356 1.06 -4.85 -14.32
N ILE B 357 1.46 -6.13 -14.40
CA ILE B 357 0.56 -7.24 -14.15
C ILE B 357 1.20 -8.15 -13.12
N SER B 358 0.47 -8.43 -12.04
CA SER B 358 0.88 -9.41 -11.05
C SER B 358 -0.07 -10.60 -11.11
N LEU B 359 0.47 -11.80 -11.11
CA LEU B 359 -0.30 -13.00 -11.36
C LEU B 359 -0.21 -13.98 -10.20
N THR B 360 -1.33 -14.64 -9.92
CA THR B 360 -1.33 -15.78 -9.02
C THR B 360 -2.51 -16.68 -9.38
N THR B 361 -2.30 -17.98 -9.24
CA THR B 361 -3.37 -18.95 -9.37
C THR B 361 -4.13 -19.17 -8.08
N SER B 362 -3.69 -18.55 -6.99
CA SER B 362 -4.37 -18.73 -5.72
C SER B 362 -5.76 -18.12 -5.76
N SER B 363 -6.66 -18.69 -4.95
CA SER B 363 -7.96 -18.11 -4.68
C SER B 363 -8.08 -17.63 -3.23
N THR B 364 -6.97 -17.62 -2.49
CA THR B 364 -6.97 -17.16 -1.10
C THR B 364 -6.93 -15.63 -1.08
N ARG B 365 -7.96 -15.01 -0.48
CA ARG B 365 -8.11 -13.56 -0.57
C ARG B 365 -6.91 -12.84 0.04
N GLU B 366 -6.41 -13.33 1.18
CA GLU B 366 -5.27 -12.69 1.83
C GLU B 366 -4.07 -12.59 0.89
N LEU B 367 -3.76 -13.65 0.15
CA LEU B 367 -2.62 -13.61 -0.74
C LEU B 367 -2.89 -12.72 -1.95
N CYS B 368 -4.10 -12.79 -2.51
CA CYS B 368 -4.45 -11.94 -3.63
C CYS B 368 -4.44 -10.47 -3.24
N LYS B 369 -5.01 -10.14 -2.07
CA LYS B 369 -5.02 -8.75 -1.64
C LYS B 369 -3.60 -8.21 -1.47
N LEU B 370 -2.67 -9.05 -0.98
CA LEU B 370 -1.29 -8.62 -0.84
C LEU B 370 -0.67 -8.33 -2.22
N LYS B 371 -0.85 -9.26 -3.16
CA LYS B 371 -0.33 -9.04 -4.50
C LYS B 371 -0.96 -7.82 -5.15
N GLY B 372 -2.23 -7.53 -4.85
CA GLY B 372 -2.85 -6.33 -5.37
C GLY B 372 -2.18 -5.07 -4.83
N PHE B 373 -1.98 -5.02 -3.50
CA PHE B 373 -1.23 -3.91 -2.91
C PHE B 373 0.11 -3.72 -3.58
N GLU B 374 0.87 -4.81 -3.76
CA GLU B 374 2.22 -4.72 -4.28
C GLU B 374 2.25 -4.20 -5.71
N VAL B 375 1.37 -4.72 -6.57
CA VAL B 375 1.41 -4.28 -7.96
C VAL B 375 0.91 -2.85 -8.08
N ILE B 376 -0.05 -2.43 -7.25
CA ILE B 376 -0.52 -1.06 -7.30
C ILE B 376 0.61 -0.09 -6.97
N HIS B 377 1.40 -0.41 -5.92
CA HIS B 377 2.51 0.47 -5.57
C HIS B 377 3.64 0.39 -6.59
N ARG B 378 3.87 -0.80 -7.15
CA ARG B 378 5.01 -0.96 -8.05
C ARG B 378 4.83 -0.15 -9.33
N VAL B 379 3.62 -0.16 -9.90
CA VAL B 379 3.45 0.60 -11.15
C VAL B 379 3.56 2.09 -10.90
N ARG B 380 3.14 2.57 -9.72
CA ARG B 380 3.33 3.97 -9.37
C ARG B 380 4.78 4.32 -9.13
N GLN B 381 5.65 3.32 -8.89
CA GLN B 381 7.06 3.64 -8.67
C GLN B 381 7.78 3.95 -9.98
N ILE B 382 7.42 3.26 -11.07
CA ILE B 382 8.09 3.43 -12.35
C ILE B 382 7.13 3.94 -13.42
N GLY B 383 5.96 4.42 -13.03
CA GLY B 383 4.97 4.82 -14.02
C GLY B 383 4.17 6.06 -13.68
N GLY B 384 4.43 6.65 -12.51
CA GLY B 384 3.71 7.85 -12.11
C GLY B 384 2.23 7.57 -11.96
N ASP B 385 1.46 8.66 -11.93
CA ASP B 385 0.01 8.58 -11.87
C ASP B 385 -0.60 8.20 -13.22
N GLU B 386 0.21 8.06 -14.26
CA GLU B 386 -0.26 7.53 -15.54
C GLU B 386 -0.32 6.01 -15.58
N SER B 387 0.25 5.33 -14.57
CA SER B 387 0.40 3.89 -14.64
C SER B 387 -0.94 3.19 -14.43
N LYS B 388 -0.92 1.87 -14.58
CA LYS B 388 -2.11 1.05 -14.44
C LYS B 388 -1.68 -0.34 -13.97
N ALA B 389 -2.40 -0.88 -12.99
CA ALA B 389 -2.07 -2.16 -12.39
C ALA B 389 -3.18 -3.17 -12.65
N ILE B 390 -2.78 -4.39 -12.97
CA ILE B 390 -3.71 -5.49 -13.19
C ILE B 390 -3.30 -6.66 -12.31
N LEU B 391 -4.25 -7.22 -11.59
CA LEU B 391 -4.02 -8.38 -10.75
C LEU B 391 -4.83 -9.54 -11.31
N ILE B 392 -4.18 -10.67 -11.57
CA ILE B 392 -4.85 -11.85 -12.11
C ILE B 392 -4.82 -12.95 -11.06
N THR B 393 -6.00 -13.35 -10.59
CA THR B 393 -6.18 -14.30 -9.51
C THR B 393 -6.89 -15.54 -10.02
N GLY B 394 -6.99 -16.53 -9.13
CA GLY B 394 -7.88 -17.66 -9.36
C GLY B 394 -9.13 -17.60 -8.50
N MET B 395 -9.61 -16.40 -8.22
CA MET B 395 -10.82 -16.20 -7.44
C MET B 395 -12.06 -16.24 -8.32
N ASP B 396 -13.21 -16.54 -7.70
CA ASP B 396 -14.45 -16.57 -8.47
C ASP B 396 -14.91 -15.14 -8.78
N LYS B 397 -15.97 -15.05 -9.58
CA LYS B 397 -16.42 -13.77 -10.14
C LYS B 397 -16.67 -12.73 -9.06
N SER B 398 -17.43 -13.09 -8.03
CA SER B 398 -17.87 -12.10 -7.05
C SER B 398 -16.74 -11.67 -6.13
N LYS B 399 -15.92 -12.62 -5.66
CA LYS B 399 -14.78 -12.25 -4.83
C LYS B 399 -13.79 -11.39 -5.62
N THR B 400 -13.63 -11.67 -6.91
CA THR B 400 -12.77 -10.86 -7.76
C THR B 400 -13.24 -9.41 -7.80
N GLU B 401 -14.54 -9.20 -8.02
CA GLU B 401 -15.02 -7.82 -8.11
C GLU B 401 -15.05 -7.15 -6.76
N ASP B 402 -15.22 -7.93 -5.69
CA ASP B 402 -15.12 -7.39 -4.34
C ASP B 402 -13.71 -6.94 -4.02
N LEU B 403 -12.71 -7.73 -4.39
CA LEU B 403 -11.32 -7.36 -4.13
C LEU B 403 -10.93 -6.11 -4.92
N GLN B 404 -11.43 -5.99 -6.16
CA GLN B 404 -11.13 -4.80 -6.95
C GLN B 404 -11.71 -3.56 -6.29
N LYS B 405 -12.98 -3.62 -5.90
CA LYS B 405 -13.61 -2.50 -5.21
C LYS B 405 -12.89 -2.18 -3.89
N ASP B 406 -12.50 -3.21 -3.14
CA ASP B 406 -11.85 -2.99 -1.85
C ASP B 406 -10.48 -2.34 -2.04
N LEU B 407 -9.67 -2.87 -2.94
CA LEU B 407 -8.31 -2.35 -3.10
C LEU B 407 -8.29 -0.99 -3.80
N ALA B 408 -9.27 -0.72 -4.67
CA ALA B 408 -9.31 0.58 -5.32
C ALA B 408 -9.55 1.69 -4.31
N TYR B 409 -10.41 1.43 -3.32
CA TYR B 409 -10.69 2.47 -2.33
C TYR B 409 -9.48 2.71 -1.43
N GLU B 410 -8.92 1.64 -0.85
CA GLU B 410 -7.82 1.79 0.09
C GLU B 410 -6.62 2.49 -0.57
N THR B 411 -6.44 2.31 -1.87
CA THR B 411 -5.27 2.87 -2.56
C THR B 411 -5.61 4.10 -3.40
N GLY B 412 -6.86 4.53 -3.43
CA GLY B 412 -7.23 5.69 -4.21
C GLY B 412 -7.03 5.51 -5.71
N SER B 413 -7.45 4.38 -6.25
CA SER B 413 -7.26 4.06 -7.66
C SER B 413 -8.59 4.07 -8.40
N THR B 414 -8.55 4.55 -9.64
CA THR B 414 -9.75 4.55 -10.47
C THR B 414 -10.02 3.14 -10.96
N GLN B 415 -11.27 2.84 -11.25
CA GLN B 415 -11.65 1.50 -11.71
C GLN B 415 -11.01 1.14 -13.05
N LYS B 416 -10.44 2.12 -13.74
CA LYS B 416 -9.70 1.86 -14.96
C LYS B 416 -8.19 1.84 -14.73
N ARG B 417 -7.74 2.09 -13.51
CA ARG B 417 -6.33 2.04 -13.17
C ARG B 417 -5.96 0.91 -12.22
N PHE B 418 -6.94 0.19 -11.69
CA PHE B 418 -6.68 -1.08 -11.02
C PHE B 418 -7.76 -2.07 -11.44
N VAL B 419 -7.36 -3.14 -12.11
CA VAL B 419 -8.25 -4.15 -12.62
C VAL B 419 -7.85 -5.49 -12.02
N VAL B 420 -8.84 -6.31 -11.66
CA VAL B 420 -8.61 -7.65 -11.15
C VAL B 420 -9.36 -8.63 -12.04
N PHE B 421 -8.67 -9.70 -12.44
CA PHE B 421 -9.28 -10.80 -13.17
C PHE B 421 -9.28 -12.05 -12.32
N GLY B 422 -10.19 -12.97 -12.66
CA GLY B 422 -10.37 -14.20 -11.91
C GLY B 422 -10.39 -15.44 -12.78
N ILE B 423 -10.79 -16.57 -12.19
CA ILE B 423 -10.66 -17.86 -12.84
C ILE B 423 -11.51 -17.94 -14.11
N ASP B 424 -12.71 -17.35 -14.08
CA ASP B 424 -13.56 -17.34 -15.26
C ASP B 424 -12.96 -16.56 -16.43
N ASP B 425 -11.95 -15.74 -16.18
CA ASP B 425 -11.31 -14.94 -17.22
C ASP B 425 -10.12 -15.62 -17.85
N TRP B 426 -9.76 -16.83 -17.39
CA TRP B 426 -8.49 -17.42 -17.80
C TRP B 426 -8.49 -17.80 -19.27
N ALA B 427 -9.56 -18.41 -19.77
CA ALA B 427 -9.56 -18.94 -21.13
C ALA B 427 -9.27 -17.85 -22.16
N ASP B 428 -9.93 -16.71 -22.03
CA ASP B 428 -9.73 -15.60 -22.97
C ASP B 428 -9.09 -14.44 -22.23
N ILE B 429 -8.03 -14.72 -21.49
CA ILE B 429 -7.35 -13.69 -20.71
C ILE B 429 -6.64 -12.69 -21.61
N GLY B 430 -6.07 -13.17 -22.73
CA GLY B 430 -5.40 -12.25 -23.65
C GLY B 430 -6.37 -11.26 -24.26
N SER B 431 -7.56 -11.72 -24.62
CA SER B 431 -8.59 -10.84 -25.17
C SER B 431 -9.07 -9.83 -24.13
N LYS B 432 -9.24 -10.28 -22.88
CA LYS B 432 -9.71 -9.38 -21.84
C LYS B 432 -8.65 -8.37 -21.45
N ILE B 433 -7.38 -8.79 -21.38
CA ILE B 433 -6.31 -7.86 -21.02
C ILE B 433 -6.15 -6.79 -22.09
N CYS B 434 -6.11 -7.21 -23.37
CA CYS B 434 -5.94 -6.24 -24.44
C CYS B 434 -7.14 -5.32 -24.58
N GLU B 435 -8.33 -5.79 -24.19
CA GLU B 435 -9.47 -4.89 -24.18
C GLU B 435 -9.31 -3.82 -23.10
N GLU B 436 -8.94 -4.23 -21.88
CA GLU B 436 -8.70 -3.28 -20.81
C GLU B 436 -7.54 -2.35 -21.13
N VAL B 437 -6.53 -2.84 -21.84
CA VAL B 437 -5.34 -2.02 -22.11
C VAL B 437 -5.65 -0.98 -23.19
N PHE B 438 -6.31 -1.40 -24.26
CA PHE B 438 -6.60 -0.53 -25.41
C PHE B 438 -8.08 -0.17 -25.36
N LYS B 439 -8.40 0.93 -24.70
CA LYS B 439 -9.79 1.30 -24.50
C LYS B 439 -9.95 2.82 -24.38
#